data_5TS2
#
_entry.id   5TS2
#
_cell.length_a   98.380
_cell.length_b   101.350
_cell.length_c   105.710
_cell.angle_alpha   90.000
_cell.angle_beta   90.000
_cell.angle_gamma   90.000
#
_symmetry.space_group_name_H-M   'P 21 21 21'
#
loop_
_entity.id
_entity.type
_entity.pdbx_description
1 polymer 'Phosphopantetheine adenylyltransferase'
2 non-polymer 'DEPHOSPHO COENZYME A'
3 non-polymer 'CALCIUM ION'
4 non-polymer 'CHLORIDE ION'
5 water water
#
_entity_poly.entity_id   1
_entity_poly.type   'polypeptide(L)'
_entity_poly.pdbx_seq_one_letter_code
;MAHHHHHHMNRVLYPGTFDPITKGHGDLIERASRLFDHVIIAVAASPKKNPLFSLEQRVALAQEVTKHLPNVEVVGFSTL
LAHFVKEQKANVFLRGLRAVSDFEYEFQLANMNRQLAPDVESMFLTPSEKYSFISSTLVREIAALGGDISKFVHPAVADA
LAERFKR
;
_entity_poly.pdbx_strand_id   A,B,C,D,E,F
#
loop_
_chem_comp.id
_chem_comp.type
_chem_comp.name
_chem_comp.formula
CA non-polymer 'CALCIUM ION' 'Ca 2'
CL non-polymer 'CHLORIDE ION' 'Cl -1'
COD non-polymer 'DEPHOSPHO COENZYME A' 'C21 H35 N7 O13 P2 S'
#
# COMPACT_ATOMS: atom_id res chain seq x y z
N ALA A 2 -16.92 7.11 33.88
CA ALA A 2 -16.31 6.67 35.13
C ALA A 2 -14.79 6.72 35.02
N HIS A 3 -14.12 7.04 36.12
CA HIS A 3 -12.67 7.05 36.12
C HIS A 3 -12.21 6.81 37.55
N HIS A 4 -10.89 6.59 37.68
CA HIS A 4 -10.20 6.49 38.95
C HIS A 4 -8.82 7.10 38.77
N HIS A 5 -8.07 7.25 39.86
CA HIS A 5 -6.80 7.96 39.79
C HIS A 5 -5.62 7.10 40.26
N HIS A 6 -5.77 5.78 40.29
CA HIS A 6 -4.67 4.91 40.63
C HIS A 6 -4.11 4.31 39.35
N HIS A 7 -3.13 3.42 39.49
CA HIS A 7 -2.49 2.89 38.30
C HIS A 7 -3.47 2.01 37.54
N HIS A 8 -3.54 2.22 36.23
CA HIS A 8 -4.43 1.41 35.40
C HIS A 8 -3.70 0.11 35.09
N MET A 9 -4.24 -1.00 35.56
CA MET A 9 -3.65 -2.30 35.31
C MET A 9 -4.27 -2.86 34.04
N ASN A 10 -3.52 -2.80 32.95
CA ASN A 10 -3.98 -3.36 31.69
C ASN A 10 -3.59 -4.83 31.60
N ARG A 11 -4.47 -5.65 31.05
CA ARG A 11 -4.09 -7.03 30.73
C ARG A 11 -4.18 -7.13 29.22
N VAL A 12 -3.03 -7.39 28.60
CA VAL A 12 -2.88 -7.28 27.15
C VAL A 12 -2.81 -8.69 26.59
N LEU A 13 -3.61 -8.94 25.57
CA LEU A 13 -3.67 -10.26 24.95
C LEU A 13 -3.07 -10.19 23.55
N TYR A 14 -2.11 -11.06 23.29
CA TYR A 14 -1.36 -11.11 22.05
C TYR A 14 -1.73 -12.41 21.34
N PRO A 15 -2.71 -12.39 20.42
CA PRO A 15 -3.16 -13.62 19.77
C PRO A 15 -2.40 -13.93 18.49
N GLY A 16 -2.30 -15.23 18.22
CA GLY A 16 -1.68 -15.68 16.99
C GLY A 16 -1.61 -17.18 16.96
N THR A 17 -1.18 -17.69 15.81
CA THR A 17 -1.02 -19.12 15.60
C THR A 17 0.33 -19.62 16.11
N PHE A 18 1.37 -18.78 16.00
CA PHE A 18 2.70 -19.07 16.52
C PHE A 18 3.15 -20.47 16.11
N ASP A 19 3.26 -20.68 14.79
CA ASP A 19 3.57 -21.99 14.20
C ASP A 19 4.82 -21.89 13.33
N PRO A 20 6.00 -21.72 13.93
CA PRO A 20 6.28 -21.56 15.36
C PRO A 20 6.45 -20.09 15.77
N ILE A 21 6.60 -19.85 17.08
CA ILE A 21 6.98 -18.54 17.57
C ILE A 21 8.38 -18.22 17.09
N THR A 22 8.60 -16.98 16.68
CA THR A 22 9.86 -16.55 16.08
C THR A 22 10.51 -15.47 16.91
N LYS A 23 11.72 -15.07 16.49
CA LYS A 23 12.40 -13.96 17.13
C LYS A 23 11.60 -12.67 16.95
N GLY A 24 10.83 -12.59 15.87
CA GLY A 24 9.95 -11.45 15.71
C GLY A 24 8.90 -11.38 16.79
N HIS A 25 8.17 -12.47 17.01
CA HIS A 25 7.21 -12.52 18.11
C HIS A 25 7.89 -12.27 19.44
N GLY A 26 9.02 -12.93 19.66
CA GLY A 26 9.72 -12.80 20.91
C GLY A 26 10.13 -11.36 21.19
N ASP A 27 10.60 -10.65 20.16
CA ASP A 27 10.98 -9.26 20.39
C ASP A 27 9.77 -8.44 20.80
N LEU A 28 8.64 -8.67 20.11
CA LEU A 28 7.42 -7.95 20.44
C LEU A 28 6.98 -8.26 21.87
N ILE A 29 7.04 -9.53 22.26
CA ILE A 29 6.63 -9.92 23.60
C ILE A 29 7.51 -9.25 24.66
N GLU A 30 8.83 -9.16 24.41
CA GLU A 30 9.72 -8.48 25.35
C GLU A 30 9.29 -7.05 25.55
N ARG A 31 9.01 -6.34 24.45
CA ARG A 31 8.62 -4.94 24.55
C ARG A 31 7.30 -4.82 25.28
N ALA A 32 6.35 -5.70 24.96
CA ALA A 32 5.07 -5.66 25.65
C ALA A 32 5.25 -5.92 27.14
N SER A 33 6.15 -6.83 27.48
CA SER A 33 6.37 -7.20 28.87
C SER A 33 6.85 -6.01 29.70
N ARG A 34 7.73 -5.18 29.14
CA ARG A 34 8.21 -3.99 29.84
C ARG A 34 7.16 -2.89 29.90
N LEU A 35 6.18 -2.88 28.99
CA LEU A 35 5.25 -1.75 28.95
C LEU A 35 4.00 -1.99 29.79
N PHE A 36 3.56 -3.24 29.91
CA PHE A 36 2.24 -3.54 30.47
C PHE A 36 2.37 -4.36 31.74
N ASP A 37 1.27 -4.37 32.52
CA ASP A 37 1.27 -5.11 33.78
C ASP A 37 1.26 -6.62 33.55
N HIS A 38 0.32 -7.09 32.73
CA HIS A 38 0.23 -8.52 32.42
CA HIS A 38 0.19 -8.52 32.42
C HIS A 38 0.08 -8.70 30.92
N VAL A 39 0.75 -9.74 30.39
CA VAL A 39 0.73 -10.07 28.97
C VAL A 39 0.31 -11.53 28.83
N ILE A 40 -0.72 -11.78 28.04
CA ILE A 40 -1.24 -13.13 27.82
C ILE A 40 -0.95 -13.52 26.38
N ILE A 41 -0.10 -14.53 26.19
CA ILE A 41 0.11 -15.10 24.88
C ILE A 41 -1.02 -16.08 24.60
N ALA A 42 -1.84 -15.77 23.60
CA ALA A 42 -3.01 -16.57 23.28
C ALA A 42 -2.76 -17.31 21.97
N VAL A 43 -2.49 -18.61 22.08
CA VAL A 43 -2.18 -19.47 20.94
C VAL A 43 -3.48 -20.12 20.45
N ALA A 44 -3.91 -19.73 19.26
CA ALA A 44 -5.17 -20.22 18.69
C ALA A 44 -4.97 -21.57 18.02
N ALA A 45 -5.95 -22.45 18.18
CA ALA A 45 -5.87 -23.75 17.53
C ALA A 45 -5.61 -23.59 16.03
N SER A 46 -6.43 -22.79 15.36
CA SER A 46 -6.33 -22.56 13.93
C SER A 46 -6.32 -23.87 13.13
N PRO A 47 -7.30 -24.75 13.34
CA PRO A 47 -7.22 -26.07 12.68
C PRO A 47 -7.30 -25.98 11.16
N LYS A 48 -7.95 -24.93 10.64
CA LYS A 48 -8.04 -24.75 9.20
C LYS A 48 -6.75 -24.22 8.58
N LYS A 49 -5.80 -23.76 9.40
CA LYS A 49 -4.48 -23.43 8.90
C LYS A 49 -3.57 -24.64 8.84
N ASN A 50 -4.05 -25.80 9.28
CA ASN A 50 -3.30 -27.05 9.33
C ASN A 50 -1.87 -26.82 9.84
N PRO A 51 -1.74 -26.38 11.10
CA PRO A 51 -0.40 -26.01 11.60
C PRO A 51 0.57 -27.19 11.63
N LEU A 52 1.84 -26.87 11.40
CA LEU A 52 2.90 -27.87 11.45
C LEU A 52 3.00 -28.49 12.84
N PHE A 53 2.99 -27.66 13.87
CA PHE A 53 3.07 -28.11 15.25
C PHE A 53 1.69 -28.17 15.88
N SER A 54 1.49 -29.16 16.75
CA SER A 54 0.27 -29.27 17.54
C SER A 54 0.10 -28.04 18.43
N LEU A 55 -1.14 -27.84 18.91
CA LEU A 55 -1.42 -26.72 19.80
C LEU A 55 -0.60 -26.78 21.07
N GLU A 56 -0.56 -27.92 21.73
CA GLU A 56 0.17 -28.02 22.99
C GLU A 56 1.67 -27.77 22.78
N GLN A 57 2.21 -28.23 21.66
CA GLN A 57 3.62 -27.97 21.41
C GLN A 57 3.87 -26.49 21.10
N ARG A 58 2.95 -25.86 20.37
CA ARG A 58 3.14 -24.43 20.11
C ARG A 58 3.07 -23.64 21.41
N VAL A 59 2.14 -24.00 22.28
CA VAL A 59 2.07 -23.38 23.61
C VAL A 59 3.37 -23.62 24.36
N ALA A 60 3.86 -24.87 24.35
CA ALA A 60 5.05 -25.22 25.13
C ALA A 60 6.28 -24.46 24.63
N LEU A 61 6.41 -24.31 23.31
CA LEU A 61 7.51 -23.52 22.77
C LEU A 61 7.39 -22.06 23.19
N ALA A 62 6.18 -21.50 23.14
CA ALA A 62 5.98 -20.12 23.54
C ALA A 62 6.29 -19.92 25.02
N GLN A 63 5.91 -20.87 25.88
CA GLN A 63 6.23 -20.78 27.29
C GLN A 63 7.74 -20.81 27.52
N GLU A 64 8.42 -21.75 26.86
CA GLU A 64 9.86 -21.86 27.02
C GLU A 64 10.56 -20.59 26.58
N VAL A 65 10.08 -19.96 25.50
CA VAL A 65 10.70 -18.76 24.98
C VAL A 65 10.50 -17.58 25.91
N THR A 66 9.42 -17.59 26.70
CA THR A 66 9.03 -16.44 27.53
C THR A 66 9.14 -16.68 29.04
N LYS A 67 9.59 -17.85 29.47
CA LYS A 67 9.55 -18.20 30.89
C LYS A 67 10.37 -17.25 31.75
N HIS A 68 11.39 -16.63 31.17
CA HIS A 68 12.23 -15.68 31.89
C HIS A 68 11.51 -14.36 32.14
N LEU A 69 10.41 -14.12 31.47
CA LEU A 69 9.72 -12.87 31.75
C LEU A 69 8.73 -13.06 32.91
N PRO A 70 8.68 -12.10 33.83
CA PRO A 70 7.95 -12.29 35.10
C PRO A 70 6.45 -12.09 35.00
N ASN A 71 5.95 -11.48 33.92
CA ASN A 71 4.56 -11.06 33.85
C ASN A 71 3.90 -11.55 32.56
N VAL A 72 4.35 -12.69 32.05
CA VAL A 72 3.88 -13.25 30.79
C VAL A 72 3.29 -14.63 31.06
N GLU A 73 2.11 -14.88 30.51
CA GLU A 73 1.39 -16.13 30.64
C GLU A 73 1.05 -16.63 29.24
N VAL A 74 1.11 -17.94 29.04
CA VAL A 74 0.84 -18.54 27.73
C VAL A 74 -0.33 -19.49 27.87
N VAL A 75 -1.34 -19.31 27.01
CA VAL A 75 -2.59 -20.06 27.07
C VAL A 75 -3.03 -20.40 25.64
N GLY A 76 -3.39 -21.66 25.41
CA GLY A 76 -4.00 -22.05 24.15
C GLY A 76 -5.51 -21.90 24.20
N PHE A 77 -6.13 -21.69 23.04
CA PHE A 77 -7.59 -21.56 22.97
C PHE A 77 -8.12 -21.97 21.60
N SER A 78 -9.29 -22.62 21.61
CA SER A 78 -9.95 -23.11 20.40
C SER A 78 -11.22 -22.34 20.08
N THR A 79 -11.61 -21.38 20.91
CA THR A 79 -12.86 -20.67 20.76
C THR A 79 -12.68 -19.36 20.01
N LEU A 80 -13.79 -18.63 19.88
CA LEU A 80 -13.77 -17.31 19.26
C LEU A 80 -12.96 -16.32 20.10
N LEU A 81 -12.09 -15.58 19.41
CA LEU A 81 -11.20 -14.65 20.10
C LEU A 81 -12.00 -13.63 20.90
N ALA A 82 -13.08 -13.09 20.33
CA ALA A 82 -13.88 -12.10 21.03
C ALA A 82 -14.48 -12.65 22.32
N HIS A 83 -14.75 -13.96 22.39
CA HIS A 83 -15.23 -14.53 23.65
C HIS A 83 -14.06 -14.84 24.56
N PHE A 84 -12.98 -15.39 24.01
CA PHE A 84 -11.85 -15.79 24.83
C PHE A 84 -11.28 -14.59 25.58
N VAL A 85 -11.20 -13.42 24.92
CA VAL A 85 -10.61 -12.26 25.54
C VAL A 85 -11.37 -11.90 26.81
N LYS A 86 -12.68 -12.13 26.82
CA LYS A 86 -13.47 -11.82 28.00
C LYS A 86 -13.27 -12.86 29.09
N GLU A 87 -13.17 -14.14 28.70
CA GLU A 87 -12.82 -15.18 29.66
C GLU A 87 -11.50 -14.86 30.35
N GLN A 88 -10.59 -14.25 29.62
CA GLN A 88 -9.26 -13.92 30.12
C GLN A 88 -9.21 -12.57 30.83
N LYS A 89 -10.31 -11.82 30.89
CA LYS A 89 -10.37 -10.53 31.57
C LYS A 89 -9.31 -9.58 31.00
N ALA A 90 -9.16 -9.61 29.69
CA ALA A 90 -8.16 -8.79 29.04
C ALA A 90 -8.86 -7.62 28.40
N ASN A 91 -8.21 -6.45 28.43
CA ASN A 91 -8.82 -5.24 27.90
C ASN A 91 -8.12 -4.69 26.66
N VAL A 92 -7.08 -5.35 26.16
CA VAL A 92 -6.35 -4.87 24.98
C VAL A 92 -5.95 -6.06 24.13
N PHE A 93 -6.18 -5.96 22.82
CA PHE A 93 -5.58 -6.84 21.84
C PHE A 93 -4.24 -6.27 21.38
N LEU A 94 -3.17 -7.04 21.49
CA LEU A 94 -1.87 -6.62 20.98
C LEU A 94 -1.56 -7.31 19.66
N ARG A 95 -1.16 -6.53 18.65
CA ARG A 95 -0.78 -7.06 17.35
C ARG A 95 0.56 -6.48 16.92
N GLY A 96 1.33 -7.28 16.18
CA GLY A 96 2.61 -6.82 15.68
C GLY A 96 2.42 -6.03 14.39
N LEU A 97 3.00 -4.83 14.34
CA LEU A 97 2.92 -3.99 13.16
C LEU A 97 4.31 -3.87 12.54
N ARG A 98 4.43 -4.32 11.29
CA ARG A 98 5.70 -4.40 10.58
C ARG A 98 5.56 -3.78 9.21
N ALA A 99 6.70 -3.42 8.60
CA ALA A 99 6.65 -2.83 7.26
C ALA A 99 5.99 -3.77 6.28
N VAL A 100 6.10 -5.08 6.53
CA VAL A 100 5.56 -6.11 5.65
C VAL A 100 4.23 -6.65 6.16
N SER A 101 3.61 -5.99 7.14
CA SER A 101 2.33 -6.43 7.67
C SER A 101 1.23 -6.31 6.61
N ASP A 102 0.20 -7.12 6.76
CA ASP A 102 -0.98 -7.09 5.88
C ASP A 102 -1.95 -6.07 6.45
N PHE A 103 -1.80 -4.81 6.04
CA PHE A 103 -2.52 -3.73 6.69
C PHE A 103 -4.02 -3.84 6.47
N GLU A 104 -4.42 -4.19 5.24
CA GLU A 104 -5.85 -4.37 4.97
C GLU A 104 -6.46 -5.38 5.93
N TYR A 105 -5.81 -6.52 6.13
CA TYR A 105 -6.38 -7.55 6.99
C TYR A 105 -6.43 -7.11 8.45
N GLU A 106 -5.40 -6.42 8.94
CA GLU A 106 -5.38 -6.01 10.34
C GLU A 106 -6.56 -5.10 10.67
N PHE A 107 -6.97 -4.26 9.73
CA PHE A 107 -8.06 -3.35 10.03
C PHE A 107 -9.43 -4.04 9.95
N GLN A 108 -9.62 -5.01 9.06
CA GLN A 108 -10.87 -5.77 9.10
C GLN A 108 -10.96 -6.50 10.42
N LEU A 109 -9.87 -7.14 10.81
CA LEU A 109 -9.82 -7.84 12.07
C LEU A 109 -10.15 -6.90 13.22
N ALA A 110 -9.54 -5.70 13.23
CA ALA A 110 -9.78 -4.76 14.31
C ALA A 110 -11.22 -4.26 14.30
N ASN A 111 -11.72 -3.83 13.14
CA ASN A 111 -13.07 -3.29 13.05
C ASN A 111 -14.10 -4.34 13.49
N MET A 112 -13.89 -5.59 13.08
CA MET A 112 -14.87 -6.63 13.38
C MET A 112 -14.84 -7.04 14.84
N ASN A 113 -13.65 -7.17 15.44
CA ASN A 113 -13.60 -7.48 16.86
C ASN A 113 -14.12 -6.33 17.70
N ARG A 114 -13.95 -5.09 17.24
CA ARG A 114 -14.56 -3.98 17.94
C ARG A 114 -16.09 -4.08 17.91
N GLN A 115 -16.65 -4.66 16.84
CA GLN A 115 -18.10 -4.87 16.83
C GLN A 115 -18.49 -5.96 17.82
N LEU A 116 -17.67 -7.00 17.96
CA LEU A 116 -17.97 -8.11 18.85
C LEU A 116 -17.56 -7.84 20.29
N ALA A 117 -16.51 -7.06 20.51
CA ALA A 117 -16.01 -6.76 21.85
C ALA A 117 -15.62 -5.29 21.91
N PRO A 118 -16.61 -4.41 21.99
CA PRO A 118 -16.34 -2.98 21.81
C PRO A 118 -15.45 -2.36 22.88
N ASP A 119 -15.37 -2.95 24.07
CA ASP A 119 -14.57 -2.38 25.15
C ASP A 119 -13.15 -2.91 25.20
N VAL A 120 -12.73 -3.68 24.21
CA VAL A 120 -11.36 -4.18 24.11
C VAL A 120 -10.63 -3.38 23.05
N GLU A 121 -9.53 -2.70 23.43
CA GLU A 121 -8.78 -1.88 22.49
C GLU A 121 -7.84 -2.71 21.62
N SER A 122 -7.73 -2.33 20.35
CA SER A 122 -6.75 -2.90 19.43
C SER A 122 -5.54 -1.98 19.37
N MET A 123 -4.37 -2.55 19.67
CA MET A 123 -3.12 -1.81 19.82
C MET A 123 -2.00 -2.52 19.08
N PHE A 124 -1.11 -1.73 18.49
CA PHE A 124 0.00 -2.25 17.71
C PHE A 124 1.34 -1.80 18.29
N LEU A 125 2.26 -2.74 18.38
CA LEU A 125 3.64 -2.42 18.69
C LEU A 125 4.46 -2.77 17.45
N THR A 126 5.61 -2.13 17.34
CA THR A 126 6.47 -2.47 16.24
C THR A 126 7.71 -3.21 16.75
N PRO A 127 8.09 -4.30 16.10
CA PRO A 127 9.29 -5.04 16.51
C PRO A 127 10.56 -4.40 15.99
N SER A 128 11.69 -4.90 16.49
CA SER A 128 12.99 -4.41 16.05
C SER A 128 13.13 -4.56 14.55
N GLU A 129 13.74 -3.55 13.92
CA GLU A 129 13.99 -3.63 12.48
C GLU A 129 14.68 -4.94 12.14
N LYS A 130 15.56 -5.40 13.05
CA LYS A 130 16.36 -6.59 12.82
C LYS A 130 15.52 -7.84 12.63
N TYR A 131 14.32 -7.88 13.21
CA TYR A 131 13.46 -9.06 13.17
C TYR A 131 12.15 -8.83 12.43
N SER A 132 11.90 -7.61 11.95
CA SER A 132 10.56 -7.25 11.49
C SER A 132 10.14 -7.98 10.22
N PHE A 133 11.08 -8.54 9.47
CA PHE A 133 10.78 -9.18 8.20
C PHE A 133 10.64 -10.70 8.31
N ILE A 134 10.78 -11.26 9.50
CA ILE A 134 10.70 -12.71 9.67
C ILE A 134 9.25 -13.16 9.52
N SER A 135 9.05 -14.24 8.76
CA SER A 135 7.75 -14.84 8.52
C SER A 135 7.72 -16.25 9.08
N SER A 136 6.71 -16.53 9.91
CA SER A 136 6.53 -17.89 10.40
C SER A 136 6.44 -18.87 9.22
N THR A 137 5.70 -18.51 8.17
CA THR A 137 5.58 -19.40 7.01
C THR A 137 6.94 -19.69 6.37
N LEU A 138 7.73 -18.64 6.13
CA LEU A 138 9.03 -18.85 5.50
C LEU A 138 9.98 -19.62 6.42
N VAL A 139 9.84 -19.49 7.75
CA VAL A 139 10.63 -20.31 8.65
C VAL A 139 10.33 -21.79 8.42
N ARG A 140 9.05 -22.14 8.35
CA ARG A 140 8.71 -23.55 8.12
C ARG A 140 9.27 -24.03 6.80
N GLU A 141 9.14 -23.24 5.75
CA GLU A 141 9.62 -23.66 4.44
C GLU A 141 11.14 -23.80 4.40
N ILE A 142 11.86 -22.87 5.03
CA ILE A 142 13.32 -22.99 5.06
C ILE A 142 13.72 -24.22 5.86
N ALA A 143 13.08 -24.44 7.00
CA ALA A 143 13.46 -25.60 7.82
C ALA A 143 13.20 -26.90 7.09
N ALA A 144 12.05 -27.04 6.40
CA ALA A 144 11.74 -28.30 5.74
C ALA A 144 12.76 -28.64 4.66
N LEU A 145 13.42 -27.63 4.10
CA LEU A 145 14.43 -27.86 3.09
C LEU A 145 15.82 -27.86 3.70
N GLY A 146 15.91 -27.96 5.02
CA GLY A 146 17.21 -28.08 5.67
C GLY A 146 18.00 -26.80 5.76
N GLY A 147 17.33 -25.66 5.85
CA GLY A 147 18.04 -24.42 6.01
C GLY A 147 18.34 -24.09 7.47
N ASP A 148 19.35 -23.24 7.67
CA ASP A 148 19.66 -22.78 9.01
C ASP A 148 18.63 -21.76 9.41
N ILE A 149 17.85 -22.09 10.44
CA ILE A 149 16.83 -21.20 10.94
C ILE A 149 17.21 -20.63 12.30
N SER A 150 18.43 -20.88 12.77
CA SER A 150 18.80 -20.39 14.10
C SER A 150 18.80 -18.87 14.15
N LYS A 151 19.01 -18.19 13.01
CA LYS A 151 19.00 -16.75 13.03
C LYS A 151 17.58 -16.18 13.13
N PHE A 152 16.54 -17.01 12.96
CA PHE A 152 15.18 -16.52 12.93
C PHE A 152 14.37 -16.90 14.17
N VAL A 153 14.76 -17.96 14.87
CA VAL A 153 13.96 -18.52 15.95
C VAL A 153 14.89 -18.83 17.12
N HIS A 154 14.30 -18.85 18.31
CA HIS A 154 14.97 -19.23 19.53
C HIS A 154 15.53 -20.65 19.42
N PRO A 155 16.64 -20.96 20.10
CA PRO A 155 17.28 -22.29 19.91
C PRO A 155 16.36 -23.47 20.13
N ALA A 156 15.46 -23.40 21.14
CA ALA A 156 14.50 -24.47 21.38
C ALA A 156 13.53 -24.64 20.22
N VAL A 157 13.16 -23.56 19.55
CA VAL A 157 12.27 -23.70 18.40
C VAL A 157 13.04 -24.33 17.25
N ALA A 158 14.32 -23.96 17.10
CA ALA A 158 15.14 -24.55 16.05
C ALA A 158 15.26 -26.05 16.24
N ASP A 159 15.50 -26.48 17.48
CA ASP A 159 15.58 -27.91 17.78
C ASP A 159 14.24 -28.59 17.53
N ALA A 160 13.14 -27.94 17.89
CA ALA A 160 11.84 -28.58 17.66
C ALA A 160 11.61 -28.76 16.17
N LEU A 161 12.05 -27.79 15.37
CA LEU A 161 11.93 -27.88 13.91
C LEU A 161 12.82 -28.99 13.35
N ALA A 162 14.03 -29.12 13.89
CA ALA A 162 14.94 -30.16 13.43
C ALA A 162 14.34 -31.54 13.66
N GLU A 163 13.87 -31.79 14.89
CA GLU A 163 13.20 -33.05 15.20
C GLU A 163 11.97 -33.25 14.34
N ARG A 164 11.27 -32.16 14.00
CA ARG A 164 10.03 -32.29 13.24
C ARG A 164 10.26 -32.83 11.84
N PHE A 165 11.38 -32.52 11.21
CA PHE A 165 11.60 -32.94 9.83
C PHE A 165 12.59 -34.10 9.68
N LYS A 166 13.10 -34.66 10.79
CA LYS A 166 14.03 -35.78 10.73
C LYS A 166 14.36 -36.30 12.13
N MET B 9 -31.92 12.57 -17.48
CA MET B 9 -30.57 12.49 -18.03
C MET B 9 -29.48 12.70 -16.96
N ASN B 10 -28.80 11.61 -16.59
CA ASN B 10 -27.72 11.64 -15.61
C ASN B 10 -26.67 12.69 -15.94
N ARG B 11 -26.20 13.37 -14.89
CA ARG B 11 -25.14 14.37 -14.97
C ARG B 11 -23.98 13.99 -14.06
N VAL B 12 -22.80 13.79 -14.64
CA VAL B 12 -21.63 13.31 -13.92
C VAL B 12 -20.58 14.43 -13.89
N LEU B 13 -19.98 14.66 -12.74
CA LEU B 13 -19.02 15.74 -12.57
C LEU B 13 -17.63 15.14 -12.37
N TYR B 14 -16.66 15.63 -13.16
CA TYR B 14 -15.29 15.12 -13.15
C TYR B 14 -14.35 16.20 -12.63
N PRO B 15 -14.09 16.26 -11.33
CA PRO B 15 -13.33 17.37 -10.78
C PRO B 15 -11.82 17.12 -10.81
N GLY B 16 -11.08 18.20 -10.96
CA GLY B 16 -9.62 18.10 -10.90
C GLY B 16 -8.97 19.45 -11.10
N THR B 17 -7.65 19.47 -10.93
CA THR B 17 -6.95 20.73 -11.16
C THR B 17 -6.61 20.92 -12.64
N PHE B 18 -6.26 19.82 -13.33
CA PHE B 18 -5.95 19.81 -14.76
C PHE B 18 -4.93 20.88 -15.13
N ASP B 19 -3.73 20.76 -14.56
CA ASP B 19 -2.64 21.71 -14.73
C ASP B 19 -1.41 20.98 -15.28
N PRO B 20 -1.44 20.57 -16.55
CA PRO B 20 -2.53 20.67 -17.51
C PRO B 20 -3.28 19.35 -17.61
N ILE B 21 -4.38 19.33 -18.37
CA ILE B 21 -5.04 18.08 -18.70
C ILE B 21 -4.12 17.23 -19.56
N THR B 22 -4.09 15.93 -19.29
CA THR B 22 -3.21 14.97 -19.95
C THR B 22 -4.03 13.91 -20.68
N LYS B 23 -3.32 13.03 -21.38
CA LYS B 23 -3.94 11.91 -22.07
C LYS B 23 -4.55 10.95 -21.08
N GLY B 24 -4.06 10.92 -19.84
CA GLY B 24 -4.72 10.15 -18.82
C GLY B 24 -6.13 10.65 -18.54
N HIS B 25 -6.25 11.95 -18.24
CA HIS B 25 -7.58 12.53 -18.07
C HIS B 25 -8.40 12.35 -19.35
N GLY B 26 -7.79 12.60 -20.50
CA GLY B 26 -8.52 12.48 -21.74
C GLY B 26 -9.10 11.10 -21.95
N ASP B 27 -8.33 10.07 -21.60
CA ASP B 27 -8.83 8.70 -21.74
C ASP B 27 -10.01 8.47 -20.82
N LEU B 28 -9.92 8.97 -19.58
CA LEU B 28 -11.04 8.85 -18.66
C LEU B 28 -12.28 9.54 -19.20
N ILE B 29 -12.11 10.75 -19.72
CA ILE B 29 -13.24 11.53 -20.21
C ILE B 29 -13.91 10.82 -21.38
N GLU B 30 -13.11 10.23 -22.28
CA GLU B 30 -13.68 9.46 -23.38
C GLU B 30 -14.54 8.32 -22.88
N ARG B 31 -14.05 7.56 -21.91
CA ARG B 31 -14.84 6.45 -21.37
C ARG B 31 -16.10 6.95 -20.67
N ALA B 32 -15.98 8.04 -19.92
CA ALA B 32 -17.15 8.61 -19.25
C ALA B 32 -18.18 9.11 -20.25
N SER B 33 -17.69 9.71 -21.34
CA SER B 33 -18.58 10.27 -22.34
C SER B 33 -19.49 9.20 -22.94
N ARG B 34 -18.98 7.97 -23.13
CA ARG B 34 -19.82 6.91 -23.69
C ARG B 34 -20.81 6.37 -22.67
N LEU B 35 -20.57 6.58 -21.38
CA LEU B 35 -21.40 5.95 -20.37
C LEU B 35 -22.56 6.83 -19.90
N PHE B 36 -22.38 8.15 -19.89
CA PHE B 36 -23.32 9.05 -19.22
C PHE B 36 -23.91 10.07 -20.17
N ASP B 37 -25.01 10.67 -19.75
CA ASP B 37 -25.69 11.61 -20.64
C ASP B 37 -24.91 12.92 -20.75
N HIS B 38 -24.48 13.47 -19.62
CA HIS B 38 -23.71 14.71 -19.60
C HIS B 38 -22.49 14.55 -18.69
N VAL B 39 -21.32 14.89 -19.20
CA VAL B 39 -20.11 14.93 -18.41
C VAL B 39 -19.67 16.37 -18.29
N ILE B 40 -19.38 16.80 -17.06
CA ILE B 40 -18.91 18.15 -16.77
C ILE B 40 -17.48 18.04 -16.25
N ILE B 41 -16.53 18.61 -16.96
CA ILE B 41 -15.17 18.69 -16.45
C ILE B 41 -15.13 19.85 -15.47
N ALA B 42 -14.79 19.58 -14.22
CA ALA B 42 -14.90 20.60 -13.18
C ALA B 42 -13.48 20.98 -12.75
N VAL B 43 -13.03 22.13 -13.25
CA VAL B 43 -11.68 22.61 -13.05
C VAL B 43 -11.64 23.50 -11.82
N ALA B 44 -10.96 23.03 -10.78
CA ALA B 44 -10.87 23.80 -9.56
C ALA B 44 -9.79 24.87 -9.69
N ALA B 45 -10.08 26.06 -9.16
CA ALA B 45 -9.08 27.12 -9.14
C ALA B 45 -7.82 26.65 -8.44
N SER B 46 -7.97 26.07 -7.25
CA SER B 46 -6.88 25.50 -6.46
C SER B 46 -5.73 26.48 -6.24
N PRO B 47 -6.00 27.69 -5.74
CA PRO B 47 -4.96 28.73 -5.72
C PRO B 47 -3.76 28.37 -4.84
N LYS B 48 -3.95 27.54 -3.84
CA LYS B 48 -2.85 27.17 -2.96
C LYS B 48 -1.91 26.14 -3.57
N LYS B 49 -2.27 25.53 -4.69
CA LYS B 49 -1.34 24.67 -5.42
C LYS B 49 -0.43 25.47 -6.34
N ASN B 50 -0.60 26.81 -6.41
CA ASN B 50 0.13 27.68 -7.32
C ASN B 50 0.16 27.05 -8.70
N PRO B 51 -0.97 26.90 -9.38
CA PRO B 51 -0.97 26.18 -10.65
C PRO B 51 -0.16 26.90 -11.72
N LEU B 52 0.51 26.12 -12.55
CA LEU B 52 1.29 26.69 -13.65
C LEU B 52 0.42 27.55 -14.56
N PHE B 53 -0.73 27.01 -14.98
CA PHE B 53 -1.67 27.69 -15.86
C PHE B 53 -2.76 28.37 -15.03
N SER B 54 -3.19 29.53 -15.49
CA SER B 54 -4.33 30.18 -14.86
C SER B 54 -5.57 29.30 -15.01
N LEU B 55 -6.59 29.60 -14.21
CA LEU B 55 -7.83 28.84 -14.32
C LEU B 55 -8.40 28.94 -15.74
N GLU B 56 -8.42 30.15 -16.31
CA GLU B 56 -8.99 30.35 -17.64
C GLU B 56 -8.26 29.53 -18.69
N GLN B 57 -6.94 29.47 -18.61
CA GLN B 57 -6.21 28.69 -19.61
C GLN B 57 -6.44 27.20 -19.42
N ARG B 58 -6.50 26.75 -18.16
CA ARG B 58 -6.78 25.33 -17.90
C ARG B 58 -8.16 24.94 -18.43
N VAL B 59 -9.16 25.79 -18.22
CA VAL B 59 -10.49 25.53 -18.79
C VAL B 59 -10.43 25.47 -20.32
N ALA B 60 -9.75 26.46 -20.92
CA ALA B 60 -9.69 26.53 -22.38
C ALA B 60 -8.95 25.32 -22.97
N LEU B 61 -7.85 24.88 -22.33
CA LEU B 61 -7.15 23.69 -22.79
C LEU B 61 -8.02 22.43 -22.67
N ALA B 62 -8.74 22.29 -21.57
CA ALA B 62 -9.59 21.12 -21.40
C ALA B 62 -10.69 21.09 -22.46
N GLN B 63 -11.25 22.26 -22.80
CA GLN B 63 -12.25 22.34 -23.86
C GLN B 63 -11.68 21.96 -25.23
N GLU B 64 -10.50 22.49 -25.57
CA GLU B 64 -9.93 22.18 -26.88
C GLU B 64 -9.73 20.68 -27.01
N VAL B 65 -9.30 20.04 -25.92
CA VAL B 65 -9.04 18.61 -25.92
C VAL B 65 -10.34 17.79 -25.98
N THR B 66 -11.45 18.31 -25.47
CA THR B 66 -12.67 17.51 -25.35
C THR B 66 -13.83 17.95 -26.25
N LYS B 67 -13.65 19.00 -27.06
CA LYS B 67 -14.73 19.57 -27.86
C LYS B 67 -15.28 18.60 -28.91
N HIS B 68 -14.48 17.63 -29.36
CA HIS B 68 -14.94 16.70 -30.38
C HIS B 68 -15.95 15.70 -29.84
N LEU B 69 -16.08 15.57 -28.52
CA LEU B 69 -17.00 14.66 -27.89
C LEU B 69 -18.38 15.31 -27.79
N PRO B 70 -19.45 14.50 -27.84
CA PRO B 70 -20.80 15.10 -27.99
C PRO B 70 -21.40 15.68 -26.71
N ASN B 71 -20.92 15.28 -25.54
CA ASN B 71 -21.67 15.61 -24.34
C ASN B 71 -20.75 16.00 -23.18
N VAL B 72 -19.63 16.65 -23.46
CA VAL B 72 -18.67 17.02 -22.43
C VAL B 72 -18.62 18.54 -22.36
N GLU B 73 -18.72 19.08 -21.16
CA GLU B 73 -18.70 20.51 -20.91
C GLU B 73 -17.64 20.81 -19.84
N VAL B 74 -17.03 21.99 -19.93
CA VAL B 74 -15.95 22.36 -19.02
C VAL B 74 -16.35 23.63 -18.28
N VAL B 75 -16.26 23.58 -16.96
CA VAL B 75 -16.66 24.70 -16.11
C VAL B 75 -15.57 24.89 -15.06
N GLY B 76 -15.09 26.12 -14.92
CA GLY B 76 -14.16 26.46 -13.85
C GLY B 76 -14.92 26.87 -12.60
N PHE B 77 -14.34 26.62 -11.44
CA PHE B 77 -15.04 26.97 -10.21
C PHE B 77 -14.04 27.18 -9.09
N SER B 78 -14.34 28.15 -8.23
CA SER B 78 -13.51 28.51 -7.10
C SER B 78 -14.14 28.16 -5.78
N THR B 79 -15.36 27.64 -5.78
CA THR B 79 -16.10 27.40 -4.56
C THR B 79 -15.85 25.98 -4.06
N LEU B 80 -16.49 25.65 -2.96
CA LEU B 80 -16.44 24.30 -2.43
C LEU B 80 -17.09 23.31 -3.41
N LEU B 81 -16.42 22.18 -3.63
CA LEU B 81 -16.94 21.17 -4.54
C LEU B 81 -18.32 20.69 -4.13
N ALA B 82 -18.49 20.37 -2.84
CA ALA B 82 -19.78 19.86 -2.38
C ALA B 82 -20.92 20.85 -2.67
N HIS B 83 -20.61 22.15 -2.69
CA HIS B 83 -21.61 23.15 -3.08
C HIS B 83 -21.70 23.29 -4.59
N PHE B 84 -20.57 23.26 -5.27
CA PHE B 84 -20.58 23.42 -6.73
C PHE B 84 -21.35 22.29 -7.39
N VAL B 85 -21.16 21.05 -6.90
CA VAL B 85 -21.80 19.92 -7.53
C VAL B 85 -23.32 20.08 -7.48
N LYS B 86 -23.86 20.69 -6.42
CA LYS B 86 -25.31 20.84 -6.38
C LYS B 86 -25.78 21.94 -7.30
N GLU B 87 -25.03 23.04 -7.39
CA GLU B 87 -25.32 24.09 -8.36
C GLU B 87 -25.35 23.52 -9.77
N GLN B 88 -24.53 22.51 -10.04
CA GLN B 88 -24.42 21.91 -11.35
C GLN B 88 -25.44 20.80 -11.61
N LYS B 89 -26.27 20.45 -10.62
CA LYS B 89 -27.27 19.41 -10.76
C LYS B 89 -26.63 18.10 -11.17
N ALA B 90 -25.49 17.78 -10.55
CA ALA B 90 -24.78 16.54 -10.82
C ALA B 90 -24.99 15.59 -9.65
N ASN B 91 -25.07 14.28 -9.94
CA ASN B 91 -25.29 13.33 -8.87
C ASN B 91 -24.12 12.38 -8.65
N VAL B 92 -23.01 12.55 -9.39
CA VAL B 92 -21.85 11.66 -9.29
C VAL B 92 -20.56 12.46 -9.36
N PHE B 93 -19.64 12.16 -8.46
CA PHE B 93 -18.26 12.54 -8.62
C PHE B 93 -17.54 11.43 -9.38
N LEU B 94 -16.88 11.78 -10.47
CA LEU B 94 -16.09 10.81 -11.21
C LEU B 94 -14.63 11.04 -10.83
N ARG B 95 -13.94 9.97 -10.49
CA ARG B 95 -12.54 10.01 -10.09
C ARG B 95 -11.74 8.99 -10.89
N GLY B 96 -10.48 9.32 -11.16
CA GLY B 96 -9.60 8.38 -11.85
C GLY B 96 -8.95 7.46 -10.84
N LEU B 97 -9.04 6.15 -11.08
CA LEU B 97 -8.44 5.13 -10.25
C LEU B 97 -7.38 4.39 -11.06
N ARG B 98 -6.16 4.43 -10.57
CA ARG B 98 -5.00 3.86 -11.24
C ARG B 98 -4.23 3.02 -10.23
N ALA B 99 -3.38 2.12 -10.75
CA ALA B 99 -2.56 1.33 -9.85
C ALA B 99 -1.65 2.20 -9.00
N VAL B 100 -1.31 3.40 -9.50
CA VAL B 100 -0.45 4.33 -8.79
C VAL B 100 -1.23 5.45 -8.12
N SER B 101 -2.56 5.29 -8.01
CA SER B 101 -3.40 6.27 -7.32
C SER B 101 -3.02 6.35 -5.84
N ASP B 102 -3.29 7.50 -5.24
CA ASP B 102 -3.12 7.71 -3.81
C ASP B 102 -4.41 7.25 -3.13
N PHE B 103 -4.45 5.96 -2.77
CA PHE B 103 -5.70 5.38 -2.30
C PHE B 103 -6.13 6.00 -0.98
N GLU B 104 -5.17 6.24 -0.08
CA GLU B 104 -5.49 6.84 1.20
C GLU B 104 -6.25 8.14 1.01
N TYR B 105 -5.73 9.01 0.15
CA TYR B 105 -6.35 10.32 -0.05
C TYR B 105 -7.74 10.19 -0.68
N GLU B 106 -7.92 9.27 -1.64
CA GLU B 106 -9.21 9.15 -2.30
C GLU B 106 -10.31 8.78 -1.31
N PHE B 107 -10.01 7.92 -0.34
CA PHE B 107 -11.06 7.52 0.58
C PHE B 107 -11.39 8.64 1.56
N GLN B 108 -10.38 9.41 1.95
CA GLN B 108 -10.66 10.56 2.79
C GLN B 108 -11.53 11.56 2.05
N LEU B 109 -11.18 11.84 0.81
CA LEU B 109 -11.96 12.74 -0.01
C LEU B 109 -13.40 12.27 -0.11
N ALA B 110 -13.58 11.00 -0.51
CA ALA B 110 -14.94 10.50 -0.73
C ALA B 110 -15.74 10.45 0.57
N ASN B 111 -15.13 10.01 1.67
CA ASN B 111 -15.94 9.91 2.87
CA ASN B 111 -15.88 9.92 2.93
C ASN B 111 -16.30 11.29 3.43
N MET B 112 -15.43 12.28 3.26
CA MET B 112 -15.77 13.62 3.72
C MET B 112 -16.78 14.29 2.80
N ASN B 113 -16.63 14.12 1.48
CA ASN B 113 -17.63 14.65 0.57
C ASN B 113 -18.97 13.95 0.74
N ARG B 114 -18.92 12.68 1.12
CA ARG B 114 -20.17 12.00 1.43
C ARG B 114 -20.88 12.66 2.61
N GLN B 115 -20.12 13.18 3.58
CA GLN B 115 -20.74 13.88 4.70
C GLN B 115 -21.33 15.22 4.28
N LEU B 116 -20.67 15.91 3.36
CA LEU B 116 -21.13 17.22 2.93
C LEU B 116 -22.24 17.15 1.90
N ALA B 117 -22.22 16.11 1.06
CA ALA B 117 -23.19 15.94 -0.02
C ALA B 117 -23.57 14.46 -0.09
N PRO B 118 -24.43 14.00 0.81
CA PRO B 118 -24.67 12.54 0.91
C PRO B 118 -25.32 11.93 -0.31
N ASP B 119 -26.07 12.70 -1.11
CA ASP B 119 -26.76 12.15 -2.27
C ASP B 119 -25.91 12.13 -3.53
N VAL B 120 -24.63 12.49 -3.43
CA VAL B 120 -23.71 12.42 -4.56
C VAL B 120 -22.78 11.24 -4.34
N GLU B 121 -22.80 10.31 -5.30
CA GLU B 121 -21.94 9.13 -5.26
C GLU B 121 -20.55 9.42 -5.80
N SER B 122 -19.53 8.81 -5.16
CA SER B 122 -18.16 8.86 -5.68
C SER B 122 -17.91 7.61 -6.51
N MET B 123 -17.49 7.80 -7.74
CA MET B 123 -17.40 6.69 -8.68
C MET B 123 -16.03 6.67 -9.31
N PHE B 124 -15.44 5.49 -9.41
CA PHE B 124 -14.10 5.36 -9.95
C PHE B 124 -14.12 4.54 -11.23
N LEU B 125 -13.54 5.09 -12.28
CA LEU B 125 -13.26 4.44 -13.54
C LEU B 125 -11.76 4.27 -13.68
N THR B 126 -11.37 3.29 -14.50
CA THR B 126 -9.96 3.00 -14.75
C THR B 126 -9.58 3.41 -16.17
N PRO B 127 -8.50 4.14 -16.34
CA PRO B 127 -8.04 4.48 -17.70
C PRO B 127 -7.28 3.29 -18.28
N SER B 128 -7.03 3.36 -19.59
CA SER B 128 -6.28 2.29 -20.24
C SER B 128 -4.89 2.17 -19.61
N GLU B 129 -4.43 0.93 -19.45
CA GLU B 129 -3.11 0.71 -18.86
C GLU B 129 -2.05 1.58 -19.49
N LYS B 130 -2.15 1.83 -20.80
CA LYS B 130 -1.14 2.60 -21.52
C LYS B 130 -0.97 4.02 -20.98
N TYR B 131 -2.00 4.59 -20.36
CA TYR B 131 -1.94 5.97 -19.87
C TYR B 131 -2.00 6.07 -18.36
N SER B 132 -2.04 4.96 -17.62
CA SER B 132 -2.37 5.03 -16.20
C SER B 132 -1.29 5.73 -15.38
N PHE B 133 -0.07 5.76 -15.89
CA PHE B 133 1.07 6.21 -15.11
C PHE B 133 1.41 7.67 -15.36
N ILE B 134 0.63 8.37 -16.19
CA ILE B 134 0.95 9.75 -16.49
C ILE B 134 0.58 10.64 -15.32
N SER B 135 1.49 11.54 -14.96
CA SER B 135 1.33 12.48 -13.87
C SER B 135 1.42 13.89 -14.42
N SER B 136 0.40 14.70 -14.13
CA SER B 136 0.44 16.11 -14.49
C SER B 136 1.70 16.78 -13.97
N THR B 137 2.08 16.46 -12.73
CA THR B 137 3.28 17.05 -12.14
C THR B 137 4.52 16.73 -12.96
N LEU B 138 4.71 15.47 -13.32
CA LEU B 138 5.89 15.08 -14.07
C LEU B 138 5.90 15.67 -15.48
N VAL B 139 4.72 15.87 -16.07
CA VAL B 139 4.63 16.54 -17.37
C VAL B 139 5.16 17.96 -17.26
N ARG B 140 4.78 18.69 -16.21
CA ARG B 140 5.29 20.05 -16.03
C ARG B 140 6.80 20.04 -15.86
N GLU B 141 7.33 19.11 -15.06
CA GLU B 141 8.76 19.06 -14.84
C GLU B 141 9.51 18.74 -16.12
N ILE B 142 8.98 17.80 -16.90
CA ILE B 142 9.63 17.43 -18.15
C ILE B 142 9.62 18.60 -19.14
N ALA B 143 8.48 19.30 -19.25
CA ALA B 143 8.38 20.41 -20.18
C ALA B 143 9.32 21.56 -19.78
N ALA B 144 9.38 21.86 -18.48
CA ALA B 144 10.26 22.93 -18.00
C ALA B 144 11.72 22.66 -18.32
N LEU B 145 12.08 21.40 -18.48
CA LEU B 145 13.43 21.03 -18.88
C LEU B 145 13.53 20.74 -20.38
N GLY B 146 12.51 21.07 -21.17
CA GLY B 146 12.64 20.93 -22.60
C GLY B 146 12.56 19.50 -23.10
N GLY B 147 11.81 18.65 -22.43
CA GLY B 147 11.62 17.30 -22.89
C GLY B 147 10.42 17.17 -23.82
N ASP B 148 10.44 16.08 -24.59
CA ASP B 148 9.32 15.75 -25.47
C ASP B 148 8.17 15.23 -24.64
N ILE B 149 7.06 15.96 -24.61
CA ILE B 149 5.88 15.55 -23.87
C ILE B 149 4.78 15.11 -24.81
N SER B 150 5.07 14.94 -26.11
CA SER B 150 4.02 14.62 -27.06
C SER B 150 3.37 13.27 -26.74
N LYS B 151 4.10 12.37 -26.09
CA LYS B 151 3.54 11.08 -25.70
C LYS B 151 2.61 11.17 -24.51
N PHE B 152 2.57 12.30 -23.82
CA PHE B 152 1.81 12.42 -22.60
C PHE B 152 0.58 13.30 -22.71
N VAL B 153 0.53 14.22 -23.67
CA VAL B 153 -0.52 15.22 -23.74
C VAL B 153 -0.92 15.47 -25.20
N HIS B 154 -2.08 16.08 -25.34
CA HIS B 154 -2.68 16.47 -26.63
CA HIS B 154 -2.55 16.36 -26.69
C HIS B 154 -1.89 17.63 -27.23
N PRO B 155 -1.82 17.74 -28.58
CA PRO B 155 -0.93 18.75 -29.18
C PRO B 155 -1.15 20.17 -28.68
N ALA B 156 -2.41 20.58 -28.50
CA ALA B 156 -2.68 21.92 -28.01
C ALA B 156 -2.08 22.13 -26.63
N VAL B 157 -2.05 21.07 -25.81
CA VAL B 157 -1.44 21.18 -24.50
C VAL B 157 0.08 21.26 -24.62
N ALA B 158 0.65 20.48 -25.54
CA ALA B 158 2.10 20.54 -25.77
C ALA B 158 2.52 21.93 -26.27
N ASP B 159 1.75 22.48 -27.21
CA ASP B 159 2.05 23.82 -27.69
C ASP B 159 1.96 24.85 -26.57
N ALA B 160 0.94 24.72 -25.71
CA ALA B 160 0.78 25.69 -24.63
C ALA B 160 1.92 25.61 -23.62
N LEU B 161 2.39 24.40 -23.33
CA LEU B 161 3.51 24.24 -22.40
C LEU B 161 4.80 24.82 -22.98
N ALA B 162 5.01 24.65 -24.29
CA ALA B 162 6.20 25.18 -24.93
C ALA B 162 6.22 26.70 -24.88
N GLU B 163 5.10 27.34 -25.18
CA GLU B 163 5.03 28.79 -25.08
C GLU B 163 5.30 29.25 -23.66
N ARG B 164 4.80 28.52 -22.67
CA ARG B 164 4.95 28.93 -21.29
C ARG B 164 6.41 28.94 -20.86
N PHE B 165 7.24 28.07 -21.44
CA PHE B 165 8.66 27.97 -21.10
C PHE B 165 9.58 28.55 -22.18
N LYS B 166 9.08 29.49 -22.98
CA LYS B 166 9.81 29.99 -24.13
C LYS B 166 11.14 30.65 -23.78
N ALA C 2 37.45 -4.31 -0.74
CA ALA C 2 37.88 -5.16 -1.82
C ALA C 2 37.25 -4.71 -3.14
N HIS C 3 38.07 -4.59 -4.19
CA HIS C 3 37.63 -4.16 -5.51
C HIS C 3 38.57 -4.76 -6.55
N HIS C 4 38.11 -4.72 -7.79
CA HIS C 4 38.93 -5.04 -8.95
C HIS C 4 38.51 -4.10 -10.07
N HIS C 5 39.21 -4.16 -11.21
CA HIS C 5 38.99 -3.24 -12.32
C HIS C 5 38.64 -3.94 -13.63
N HIS C 6 38.42 -5.26 -13.64
CA HIS C 6 38.00 -5.94 -14.85
C HIS C 6 36.47 -5.91 -14.98
N HIS C 7 35.94 -6.63 -15.98
CA HIS C 7 34.50 -6.69 -16.18
C HIS C 7 33.85 -7.41 -15.01
N HIS C 8 32.68 -6.91 -14.59
CA HIS C 8 31.95 -7.52 -13.47
C HIS C 8 31.02 -8.59 -14.02
N MET C 9 31.45 -9.84 -13.92
CA MET C 9 30.70 -11.01 -14.40
C MET C 9 29.47 -11.24 -13.53
N ASN C 10 28.29 -10.90 -14.04
CA ASN C 10 27.06 -11.19 -13.32
C ASN C 10 26.43 -12.46 -13.88
N ARG C 11 26.14 -13.38 -12.97
CA ARG C 11 25.41 -14.63 -13.21
C ARG C 11 24.14 -14.48 -12.37
N VAL C 12 23.01 -14.29 -13.04
CA VAL C 12 21.78 -13.83 -12.41
C VAL C 12 20.79 -14.98 -12.38
N LEU C 13 20.21 -15.23 -11.22
CA LEU C 13 19.28 -16.33 -11.07
C LEU C 13 17.90 -15.75 -10.86
N TYR C 14 16.97 -16.16 -11.71
CA TYR C 14 15.62 -15.64 -11.73
C TYR C 14 14.70 -16.76 -11.25
N PRO C 15 14.36 -16.80 -9.97
CA PRO C 15 13.59 -17.92 -9.44
C PRO C 15 12.09 -17.70 -9.53
N GLY C 16 11.38 -18.80 -9.67
CA GLY C 16 9.93 -18.74 -9.64
C GLY C 16 9.33 -20.10 -9.89
N THR C 17 8.02 -20.13 -9.77
CA THR C 17 7.25 -21.34 -10.01
C THR C 17 6.90 -21.52 -11.49
N PHE C 18 6.66 -20.43 -12.23
CA PHE C 18 6.42 -20.49 -13.68
C PHE C 18 5.37 -21.55 -14.03
N ASP C 19 4.16 -21.35 -13.51
CA ASP C 19 3.07 -22.32 -13.64
C ASP C 19 1.84 -21.66 -14.24
N PRO C 20 1.88 -21.29 -15.54
CA PRO C 20 3.00 -21.41 -16.47
C PRO C 20 3.85 -20.15 -16.61
N ILE C 21 4.94 -20.23 -17.35
CA ILE C 21 5.64 -19.03 -17.73
C ILE C 21 4.75 -18.21 -18.67
N THR C 22 4.76 -16.90 -18.47
CA THR C 22 3.87 -15.99 -19.20
C THR C 22 4.70 -14.97 -19.96
N LYS C 23 4.01 -14.13 -20.74
CA LYS C 23 4.70 -13.04 -21.45
C LYS C 23 5.31 -12.04 -20.48
N GLY C 24 4.76 -11.93 -19.27
CA GLY C 24 5.39 -11.10 -18.27
C GLY C 24 6.76 -11.62 -17.88
N HIS C 25 6.84 -12.91 -17.54
CA HIS C 25 8.14 -13.52 -17.25
C HIS C 25 9.07 -13.40 -18.46
N GLY C 26 8.53 -13.69 -19.65
CA GLY C 26 9.34 -13.63 -20.86
C GLY C 26 9.90 -12.24 -21.12
N ASP C 27 9.10 -11.20 -20.88
CA ASP C 27 9.60 -9.84 -21.05
C ASP C 27 10.73 -9.56 -20.07
N LEU C 28 10.56 -9.96 -18.81
CA LEU C 28 11.63 -9.74 -17.84
C LEU C 28 12.90 -10.46 -18.27
N ILE C 29 12.75 -11.71 -18.73
CA ILE C 29 13.88 -12.51 -19.15
C ILE C 29 14.59 -11.86 -20.34
N GLU C 30 13.83 -11.30 -21.28
CA GLU C 30 14.43 -10.60 -22.42
C GLU C 30 15.33 -9.46 -21.93
N ARG C 31 14.82 -8.65 -21.01
CA ARG C 31 15.59 -7.51 -20.52
C ARG C 31 16.83 -7.99 -19.77
N ALA C 32 16.67 -9.02 -18.93
CA ALA C 32 17.82 -9.55 -18.21
C ALA C 32 18.87 -10.12 -19.16
N SER C 33 18.43 -10.79 -20.23
CA SER C 33 19.39 -11.37 -21.17
C SER C 33 20.29 -10.30 -21.76
N ARG C 34 19.73 -9.13 -22.07
CA ARG C 34 20.54 -8.05 -22.63
C ARG C 34 21.41 -7.35 -21.59
N LEU C 35 21.07 -7.44 -20.30
CA LEU C 35 21.79 -6.70 -19.27
C LEU C 35 22.94 -7.48 -18.66
N PHE C 36 22.82 -8.79 -18.56
CA PHE C 36 23.74 -9.54 -17.72
C PHE C 36 24.46 -10.62 -18.52
N ASP C 37 25.57 -11.10 -17.96
CA ASP C 37 26.37 -12.05 -18.72
C ASP C 37 25.64 -13.37 -18.88
N HIS C 38 24.94 -13.80 -17.84
CA HIS C 38 24.30 -15.09 -17.89
C HIS C 38 23.07 -15.01 -16.99
N VAL C 39 22.00 -15.68 -17.44
CA VAL C 39 20.71 -15.68 -16.76
C VAL C 39 20.26 -17.12 -16.59
N ILE C 40 19.91 -17.49 -15.37
CA ILE C 40 19.49 -18.84 -15.02
C ILE C 40 18.03 -18.77 -14.60
N ILE C 41 17.16 -19.44 -15.34
CA ILE C 41 15.76 -19.55 -14.93
C ILE C 41 15.69 -20.73 -13.99
N ALA C 42 15.37 -20.45 -12.74
CA ALA C 42 15.36 -21.45 -11.70
C ALA C 42 13.91 -21.79 -11.42
N VAL C 43 13.46 -22.93 -11.94
CA VAL C 43 12.06 -23.35 -11.79
C VAL C 43 11.95 -24.17 -10.50
N ALA C 44 11.26 -23.62 -9.51
CA ALA C 44 11.13 -24.30 -8.23
C ALA C 44 10.02 -25.34 -8.30
N ALA C 45 10.28 -26.52 -7.73
CA ALA C 45 9.25 -27.56 -7.69
C ALA C 45 7.99 -27.03 -7.00
N SER C 46 8.16 -26.42 -5.83
CA SER C 46 7.06 -25.81 -5.07
C SER C 46 5.91 -26.80 -4.85
N PRO C 47 6.20 -27.99 -4.28
CA PRO C 47 5.16 -29.04 -4.23
C PRO C 47 3.97 -28.66 -3.38
N LYS C 48 4.15 -27.80 -2.38
CA LYS C 48 3.02 -27.42 -1.54
C LYS C 48 2.12 -26.41 -2.22
N LYS C 49 2.53 -25.87 -3.35
CA LYS C 49 1.70 -25.00 -4.17
C LYS C 49 0.77 -25.77 -5.12
N ASN C 50 0.88 -27.10 -5.15
CA ASN C 50 0.13 -27.96 -6.06
C ASN C 50 0.12 -27.46 -7.50
N PRO C 51 1.28 -27.36 -8.15
CA PRO C 51 1.35 -26.75 -9.48
C PRO C 51 0.56 -27.55 -10.51
N LEU C 52 -0.05 -26.81 -11.44
CA LEU C 52 -0.81 -27.43 -12.52
C LEU C 52 0.08 -28.32 -13.38
N PHE C 53 1.22 -27.79 -13.81
CA PHE C 53 2.14 -28.54 -14.64
C PHE C 53 3.27 -29.15 -13.81
N SER C 54 3.69 -30.34 -14.24
CA SER C 54 4.83 -30.97 -13.60
C SER C 54 6.07 -30.08 -13.72
N LEU C 55 7.04 -30.33 -12.84
CA LEU C 55 8.29 -29.61 -12.90
C LEU C 55 8.95 -29.77 -14.27
N GLU C 56 8.95 -31.00 -14.78
CA GLU C 56 9.55 -31.27 -16.09
C GLU C 56 8.85 -30.47 -17.19
N GLN C 57 7.53 -30.37 -17.12
CA GLN C 57 6.81 -29.62 -18.15
C GLN C 57 7.03 -28.12 -18.02
N ARG C 58 7.05 -27.59 -16.79
CA ARG C 58 7.28 -26.16 -16.62
C ARG C 58 8.66 -25.76 -17.12
N VAL C 59 9.67 -26.59 -16.85
CA VAL C 59 11.03 -26.40 -17.39
C VAL C 59 11.02 -26.47 -18.92
N ALA C 60 10.31 -27.45 -19.50
CA ALA C 60 10.33 -27.60 -20.94
C ALA C 60 9.72 -26.38 -21.62
N LEU C 61 8.60 -25.89 -21.09
CA LEU C 61 7.99 -24.67 -21.61
C LEU C 61 8.92 -23.47 -21.43
N ALA C 62 9.55 -23.35 -20.25
CA ALA C 62 10.45 -22.21 -20.03
C ALA C 62 11.62 -22.24 -21.02
N GLN C 63 12.18 -23.42 -21.26
CA GLN C 63 13.25 -23.56 -22.24
C GLN C 63 12.76 -23.22 -23.63
N GLU C 64 11.58 -23.72 -24.00
CA GLU C 64 11.03 -23.45 -25.33
C GLU C 64 10.80 -21.95 -25.55
N VAL C 65 10.34 -21.24 -24.51
CA VAL C 65 10.05 -19.81 -24.62
C VAL C 65 11.31 -18.97 -24.73
N THR C 66 12.43 -19.46 -24.20
CA THR C 66 13.66 -18.69 -24.13
C THR C 66 14.80 -19.27 -24.95
N LYS C 67 14.55 -20.35 -25.71
CA LYS C 67 15.62 -21.07 -26.39
C LYS C 67 16.36 -20.20 -27.39
N HIS C 68 15.70 -19.15 -27.87
CA HIS C 68 16.33 -18.22 -28.80
C HIS C 68 17.30 -17.28 -28.12
N LEU C 69 17.32 -17.21 -26.79
CA LEU C 69 18.26 -16.30 -26.16
C LEU C 69 19.60 -17.00 -25.94
N PRO C 70 20.69 -16.26 -26.20
CA PRO C 70 22.01 -16.91 -26.27
C PRO C 70 22.63 -17.22 -24.93
N ASN C 71 22.14 -16.63 -23.86
CA ASN C 71 22.80 -16.74 -22.58
C ASN C 71 21.79 -17.03 -21.47
N VAL C 72 20.72 -17.75 -21.78
CA VAL C 72 19.69 -18.07 -20.81
C VAL C 72 19.66 -19.58 -20.64
N GLU C 73 19.71 -20.03 -19.40
CA GLU C 73 19.70 -21.44 -19.06
C GLU C 73 18.51 -21.69 -18.16
N VAL C 74 17.88 -22.85 -18.30
CA VAL C 74 16.67 -23.19 -17.56
C VAL C 74 16.98 -24.44 -16.76
N VAL C 75 16.73 -24.38 -15.47
CA VAL C 75 17.07 -25.49 -14.60
C VAL C 75 15.96 -25.61 -13.57
N GLY C 76 15.45 -26.83 -13.38
CA GLY C 76 14.52 -27.09 -12.30
C GLY C 76 15.29 -27.46 -11.04
N PHE C 77 14.69 -27.18 -9.90
CA PHE C 77 15.34 -27.45 -8.63
C PHE C 77 14.30 -27.67 -7.55
N SER C 78 14.59 -28.60 -6.65
CA SER C 78 13.69 -28.88 -5.55
C SER C 78 14.26 -28.49 -4.20
N THR C 79 15.48 -27.96 -4.14
CA THR C 79 16.17 -27.66 -2.89
C THR C 79 15.89 -26.23 -2.43
N LEU C 80 16.51 -25.83 -1.31
CA LEU C 80 16.39 -24.46 -0.82
C LEU C 80 17.07 -23.49 -1.80
N LEU C 81 16.39 -22.39 -2.10
CA LEU C 81 16.94 -21.41 -3.03
C LEU C 81 18.30 -20.90 -2.56
N ALA C 82 18.42 -20.62 -1.26
CA ALA C 82 19.70 -20.13 -0.74
C ALA C 82 20.84 -21.12 -0.96
N HIS C 83 20.54 -22.43 -1.03
CA HIS C 83 21.56 -23.43 -1.36
C HIS C 83 21.74 -23.60 -2.86
N PHE C 84 20.64 -23.63 -3.62
CA PHE C 84 20.76 -23.81 -5.06
C PHE C 84 21.55 -22.67 -5.67
N VAL C 85 21.33 -21.44 -5.19
CA VAL C 85 22.01 -20.29 -5.75
C VAL C 85 23.52 -20.44 -5.63
N LYS C 86 24.00 -21.08 -4.57
CA LYS C 86 25.45 -21.28 -4.43
C LYS C 86 25.92 -22.42 -5.30
N GLU C 87 25.11 -23.49 -5.42
CA GLU C 87 25.44 -24.56 -6.36
C GLU C 87 25.58 -24.01 -7.76
N GLN C 88 24.76 -23.03 -8.11
CA GLN C 88 24.76 -22.45 -9.44
C GLN C 88 25.80 -21.34 -9.61
N LYS C 89 26.49 -20.96 -8.54
CA LYS C 89 27.52 -19.93 -8.59
C LYS C 89 26.97 -18.63 -9.17
N ALA C 90 25.79 -18.24 -8.71
CA ALA C 90 25.14 -17.01 -9.13
C ALA C 90 25.29 -15.95 -8.04
N ASN C 91 25.44 -14.69 -8.43
CA ASN C 91 25.64 -13.61 -7.47
C ASN C 91 24.46 -12.66 -7.32
N VAL C 92 23.35 -12.90 -8.04
CA VAL C 92 22.19 -12.01 -8.00
C VAL C 92 20.91 -12.83 -8.04
N PHE C 93 19.97 -12.48 -7.16
CA PHE C 93 18.58 -12.88 -7.31
C PHE C 93 17.89 -11.81 -8.12
N LEU C 94 17.27 -12.20 -9.23
CA LEU C 94 16.46 -11.27 -10.02
C LEU C 94 14.99 -11.52 -9.75
N ARG C 95 14.26 -10.44 -9.49
CA ARG C 95 12.83 -10.51 -9.25
C ARG C 95 12.09 -9.51 -10.13
N GLY C 96 10.87 -9.87 -10.51
CA GLY C 96 10.02 -8.95 -11.26
C GLY C 96 9.28 -8.01 -10.33
N LEU C 97 9.33 -6.72 -10.62
CA LEU C 97 8.63 -5.71 -9.84
C LEU C 97 7.61 -5.00 -10.71
N ARG C 98 6.35 -5.05 -10.29
CA ARG C 98 5.23 -4.49 -11.03
C ARG C 98 4.42 -3.60 -10.10
N ALA C 99 3.61 -2.72 -10.69
CA ALA C 99 2.72 -1.90 -9.86
C ALA C 99 1.77 -2.76 -9.04
N VAL C 100 1.51 -3.99 -9.50
CA VAL C 100 0.63 -4.91 -8.79
C VAL C 100 1.42 -5.94 -8.00
N SER C 101 2.72 -5.73 -7.83
CA SER C 101 3.53 -6.67 -7.08
C SER C 101 3.12 -6.71 -5.61
N ASP C 102 3.37 -7.85 -4.96
CA ASP C 102 3.18 -8.00 -3.52
C ASP C 102 4.45 -7.53 -2.83
N PHE C 103 4.53 -6.22 -2.54
CA PHE C 103 5.76 -5.63 -2.03
C PHE C 103 6.14 -6.19 -0.67
N GLU C 104 5.15 -6.41 0.21
CA GLU C 104 5.42 -7.02 1.50
C GLU C 104 6.17 -8.34 1.33
N TYR C 105 5.66 -9.22 0.47
CA TYR C 105 6.25 -10.53 0.33
C TYR C 105 7.67 -10.45 -0.25
N GLU C 106 7.88 -9.58 -1.23
CA GLU C 106 9.21 -9.45 -1.84
C GLU C 106 10.26 -9.01 -0.84
N PHE C 107 9.89 -8.17 0.11
CA PHE C 107 10.89 -7.77 1.09
C PHE C 107 11.18 -8.86 2.10
N GLN C 108 10.18 -9.67 2.47
CA GLN C 108 10.48 -10.77 3.37
C GLN C 108 11.43 -11.76 2.71
N LEU C 109 11.16 -12.10 1.45
CA LEU C 109 12.04 -13.02 0.73
C LEU C 109 13.47 -12.49 0.66
N ALA C 110 13.63 -11.22 0.28
CA ALA C 110 14.95 -10.63 0.07
C ALA C 110 15.75 -10.58 1.37
N ASN C 111 15.12 -10.15 2.46
CA ASN C 111 15.86 -10.02 3.71
C ASN C 111 16.17 -11.38 4.32
N MET C 112 15.23 -12.32 4.26
CA MET C 112 15.56 -13.64 4.74
C MET C 112 16.65 -14.30 3.89
N ASN C 113 16.56 -14.15 2.55
CA ASN C 113 17.62 -14.69 1.70
C ASN C 113 18.92 -13.93 1.92
N ARG C 114 18.85 -12.65 2.27
CA ARG C 114 20.06 -11.95 2.63
C ARG C 114 20.69 -12.58 3.88
N GLN C 115 19.87 -13.08 4.79
CA GLN C 115 20.39 -13.75 5.98
C GLN C 115 21.02 -15.09 5.64
N LEU C 116 20.44 -15.84 4.70
CA LEU C 116 20.94 -17.15 4.34
C LEU C 116 22.05 -17.11 3.29
N ALA C 117 22.05 -16.08 2.44
CA ALA C 117 23.05 -15.96 1.37
C ALA C 117 23.48 -14.51 1.28
N PRO C 118 24.36 -14.07 2.19
CA PRO C 118 24.66 -12.63 2.32
C PRO C 118 25.35 -12.03 1.11
N ASP C 119 26.11 -12.82 0.34
CA ASP C 119 26.83 -12.28 -0.81
C ASP C 119 26.04 -12.36 -2.12
N VAL C 120 24.77 -12.72 -2.07
CA VAL C 120 23.91 -12.70 -3.27
C VAL C 120 22.99 -11.51 -3.16
N GLU C 121 23.07 -10.60 -4.13
CA GLU C 121 22.23 -9.41 -4.15
C GLU C 121 20.83 -9.73 -4.67
N SER C 122 19.84 -9.04 -4.11
CA SER C 122 18.48 -9.07 -4.61
C SER C 122 18.22 -7.84 -5.47
N MET C 123 17.75 -8.07 -6.69
CA MET C 123 17.59 -7.01 -7.67
C MET C 123 16.20 -7.13 -8.30
N PHE C 124 15.58 -6.01 -8.56
CA PHE C 124 14.27 -5.99 -9.19
C PHE C 124 14.33 -5.24 -10.50
N LEU C 125 13.78 -5.85 -11.54
CA LEU C 125 13.54 -5.20 -12.82
C LEU C 125 12.05 -5.02 -13.00
N THR C 126 11.68 -4.05 -13.79
CA THR C 126 10.26 -3.88 -14.04
C THR C 126 9.91 -4.26 -15.46
N PRO C 127 8.86 -5.03 -15.66
CA PRO C 127 8.45 -5.43 -17.01
C PRO C 127 7.73 -4.29 -17.72
N SER C 128 7.49 -4.50 -19.01
CA SER C 128 6.74 -3.53 -19.80
C SER C 128 5.35 -3.36 -19.23
N GLU C 129 4.87 -2.11 -19.22
CA GLU C 129 3.53 -1.82 -18.74
C GLU C 129 2.49 -2.70 -19.41
N LYS C 130 2.68 -3.05 -20.69
CA LYS C 130 1.72 -3.86 -21.41
C LYS C 130 1.54 -5.22 -20.76
N TYR C 131 2.54 -5.70 -20.04
CA TYR C 131 2.50 -7.03 -19.47
C TYR C 131 2.49 -7.06 -17.95
N SER C 132 2.54 -5.91 -17.28
CA SER C 132 2.76 -5.88 -15.84
C SER C 132 1.59 -6.43 -15.03
N PHE C 133 0.40 -6.50 -15.63
CA PHE C 133 -0.81 -6.90 -14.93
C PHE C 133 -1.18 -8.37 -15.14
N ILE C 134 -0.36 -9.13 -15.84
CA ILE C 134 -0.67 -10.54 -16.08
C ILE C 134 -0.39 -11.35 -14.83
N SER C 135 -1.32 -12.24 -14.50
CA SER C 135 -1.21 -13.13 -13.35
C SER C 135 -1.22 -14.57 -13.82
N SER C 136 -0.21 -15.34 -13.42
CA SER C 136 -0.18 -16.77 -13.71
C SER C 136 -1.46 -17.47 -13.25
N THR C 137 -1.94 -17.10 -12.06
CA THR C 137 -3.14 -17.70 -11.51
C THR C 137 -4.35 -17.44 -12.40
N LEU C 138 -4.54 -16.19 -12.81
CA LEU C 138 -5.70 -15.86 -13.61
C LEU C 138 -5.61 -16.50 -14.98
N VAL C 139 -4.39 -16.67 -15.51
CA VAL C 139 -4.23 -17.38 -16.77
C VAL C 139 -4.75 -18.79 -16.65
N ARG C 140 -4.39 -19.48 -15.56
CA ARG C 140 -4.90 -20.83 -15.33
C ARG C 140 -6.42 -20.82 -15.23
N GLU C 141 -6.98 -19.86 -14.48
CA GLU C 141 -8.43 -19.85 -14.32
C GLU C 141 -9.13 -19.55 -15.63
N ILE C 142 -8.60 -18.60 -16.41
CA ILE C 142 -9.22 -18.29 -17.69
C ILE C 142 -9.15 -19.49 -18.62
N ALA C 143 -7.96 -20.13 -18.71
CA ALA C 143 -7.82 -21.28 -19.57
C ALA C 143 -8.74 -22.41 -19.14
N ALA C 144 -8.85 -22.63 -17.83
CA ALA C 144 -9.70 -23.70 -17.32
C ALA C 144 -11.15 -23.48 -17.70
N LEU C 145 -11.56 -22.24 -17.92
CA LEU C 145 -12.92 -21.94 -18.35
C LEU C 145 -13.00 -21.65 -19.84
N GLY C 146 -11.96 -21.97 -20.60
CA GLY C 146 -12.00 -21.86 -22.05
C GLY C 146 -11.90 -20.46 -22.63
N GLY C 147 -11.26 -19.55 -21.95
CA GLY C 147 -11.07 -18.23 -22.51
C GLY C 147 -9.80 -18.15 -23.35
N ASP C 148 -9.74 -17.15 -24.22
CA ASP C 148 -8.55 -16.91 -25.02
C ASP C 148 -7.43 -16.33 -24.15
N ILE C 149 -6.31 -17.06 -24.03
CA ILE C 149 -5.16 -16.63 -23.25
C ILE C 149 -3.99 -16.25 -24.15
N SER C 150 -4.19 -16.22 -25.48
CA SER C 150 -3.06 -16.01 -26.37
C SER C 150 -2.42 -14.65 -26.16
N LYS C 151 -3.15 -13.69 -25.60
CA LYS C 151 -2.60 -12.38 -25.28
C LYS C 151 -1.75 -12.39 -24.02
N PHE C 152 -1.75 -13.47 -23.25
CA PHE C 152 -1.05 -13.52 -21.97
C PHE C 152 0.17 -14.43 -21.98
N VAL C 153 0.24 -15.40 -22.90
CA VAL C 153 1.27 -16.43 -22.88
C VAL C 153 1.75 -16.69 -24.30
N HIS C 154 2.94 -17.29 -24.39
CA HIS C 154 3.53 -17.77 -25.64
C HIS C 154 2.63 -18.82 -26.29
N PRO C 155 2.64 -18.92 -27.63
CA PRO C 155 1.88 -19.98 -28.28
C PRO C 155 2.17 -21.38 -27.74
N ALA C 156 3.42 -21.70 -27.42
CA ALA C 156 3.72 -23.01 -26.88
C ALA C 156 3.02 -23.23 -25.54
N VAL C 157 2.86 -22.17 -24.75
CA VAL C 157 2.18 -22.31 -23.47
C VAL C 157 0.68 -22.44 -23.65
N ALA C 158 0.10 -21.67 -24.57
CA ALA C 158 -1.34 -21.77 -24.79
C ALA C 158 -1.74 -23.17 -25.25
N ASP C 159 -0.99 -23.74 -26.20
CA ASP C 159 -1.26 -25.10 -26.68
C ASP C 159 -1.13 -26.11 -25.54
N ALA C 160 -0.13 -25.94 -24.67
CA ALA C 160 0.06 -26.86 -23.56
C ALA C 160 -1.10 -26.76 -22.57
N LEU C 161 -1.61 -25.56 -22.34
CA LEU C 161 -2.78 -25.39 -21.46
C LEU C 161 -4.03 -26.02 -22.07
N ALA C 162 -4.22 -25.88 -23.39
CA ALA C 162 -5.39 -26.48 -24.03
C ALA C 162 -5.37 -27.99 -23.91
N GLU C 163 -4.21 -28.60 -24.15
CA GLU C 163 -4.09 -30.05 -23.98
C GLU C 163 -4.42 -30.43 -22.55
N ARG C 164 -4.03 -29.58 -21.59
CA ARG C 164 -4.26 -29.89 -20.18
C ARG C 164 -5.74 -29.85 -19.80
N PHE C 165 -6.53 -28.98 -20.43
CA PHE C 165 -7.94 -28.86 -20.09
C PHE C 165 -8.85 -29.53 -21.12
N LYS C 166 -8.31 -30.45 -21.91
CA LYS C 166 -9.08 -31.10 -22.97
C LYS C 166 -8.38 -32.38 -23.44
N HIS D 7 1.18 1.40 42.36
CA HIS D 7 2.39 1.36 41.54
C HIS D 7 2.75 2.75 41.05
N HIS D 8 3.71 2.85 40.13
CA HIS D 8 4.09 4.13 39.56
C HIS D 8 3.09 4.54 38.49
N MET D 9 3.10 5.84 38.17
CA MET D 9 2.20 6.43 37.18
C MET D 9 2.99 6.63 35.88
N ASN D 10 2.65 5.86 34.86
CA ASN D 10 3.27 5.98 33.54
C ASN D 10 2.65 7.15 32.78
N ARG D 11 3.49 7.84 32.00
CA ARG D 11 3.10 9.04 31.26
C ARG D 11 3.25 8.81 29.76
N VAL D 12 2.15 9.00 29.02
CA VAL D 12 2.05 8.71 27.60
C VAL D 12 1.94 10.01 26.82
N LEU D 13 2.73 10.15 25.76
CA LEU D 13 2.81 11.39 24.99
C LEU D 13 2.19 11.16 23.61
N TYR D 14 1.27 12.03 23.22
CA TYR D 14 0.56 11.95 21.94
C TYR D 14 0.97 13.15 21.08
N PRO D 15 1.98 13.02 20.24
CA PRO D 15 2.48 14.17 19.49
C PRO D 15 1.76 14.41 18.18
N GLY D 16 1.71 15.68 17.80
CA GLY D 16 1.13 16.02 16.52
C GLY D 16 1.08 17.53 16.34
N THR D 17 0.66 17.92 15.15
CA THR D 17 0.52 19.32 14.80
C THR D 17 -0.83 19.92 15.22
N PHE D 18 -1.90 19.12 15.13
CA PHE D 18 -3.25 19.49 15.59
C PHE D 18 -3.70 20.85 15.05
N ASP D 19 -3.77 20.91 13.72
CA ASP D 19 -4.08 22.14 12.99
C ASP D 19 -5.30 21.92 12.10
N PRO D 20 -6.50 21.80 12.68
CA PRO D 20 -6.74 21.75 14.13
C PRO D 20 -6.93 20.31 14.63
N ILE D 21 -7.09 20.16 15.95
CA ILE D 21 -7.51 18.90 16.52
C ILE D 21 -8.92 18.59 15.99
N THR D 22 -9.16 17.34 15.66
CA THR D 22 -10.43 16.92 15.09
C THR D 22 -11.07 15.85 15.94
N LYS D 23 -12.30 15.46 15.57
CA LYS D 23 -12.98 14.39 16.27
C LYS D 23 -12.22 13.08 16.15
N GLY D 24 -11.42 12.93 15.09
CA GLY D 24 -10.55 11.76 15.00
C GLY D 24 -9.51 11.75 16.12
N HIS D 25 -8.78 12.87 16.29
CA HIS D 25 -7.84 12.99 17.40
C HIS D 25 -8.57 12.82 18.73
N GLY D 26 -9.72 13.47 18.86
CA GLY D 26 -10.50 13.39 20.09
C GLY D 26 -10.88 11.96 20.44
N ASP D 27 -11.28 11.17 19.42
CA ASP D 27 -11.64 9.79 19.70
C ASP D 27 -10.44 9.00 20.21
N LEU D 28 -9.27 9.19 19.57
CA LEU D 28 -8.06 8.53 20.03
C LEU D 28 -7.69 8.93 21.46
N ILE D 29 -7.77 10.21 21.78
CA ILE D 29 -7.42 10.70 23.11
C ILE D 29 -8.32 10.09 24.16
N GLU D 30 -9.62 9.97 23.86
CA GLU D 30 -10.55 9.34 24.79
C GLU D 30 -10.15 7.90 25.07
N ARG D 31 -9.79 7.15 24.02
CA ARG D 31 -9.40 5.77 24.23
C ARG D 31 -8.10 5.68 25.02
N ALA D 32 -7.14 6.53 24.70
CA ALA D 32 -5.88 6.53 25.45
C ALA D 32 -6.12 6.90 26.89
N SER D 33 -7.02 7.84 27.12
CA SER D 33 -7.33 8.30 28.47
C SER D 33 -7.80 7.16 29.36
N ARG D 34 -8.58 6.22 28.83
CA ARG D 34 -9.09 5.10 29.61
C ARG D 34 -8.03 4.05 29.88
N LEU D 35 -6.98 4.03 29.08
CA LEU D 35 -5.98 2.98 29.10
C LEU D 35 -4.80 3.34 29.99
N PHE D 36 -4.42 4.61 30.04
CA PHE D 36 -3.16 5.04 30.63
C PHE D 36 -3.39 6.05 31.76
N ASP D 37 -2.35 6.19 32.60
CA ASP D 37 -2.46 7.01 33.80
C ASP D 37 -2.49 8.50 33.48
N HIS D 38 -1.59 8.94 32.59
CA HIS D 38 -1.47 10.34 32.22
C HIS D 38 -1.23 10.37 30.72
N VAL D 39 -2.01 11.18 30.01
CA VAL D 39 -1.83 11.38 28.58
C VAL D 39 -1.41 12.83 28.39
N ILE D 40 -0.34 13.04 27.62
CA ILE D 40 0.19 14.36 27.35
C ILE D 40 -0.03 14.60 25.87
N ILE D 41 -0.89 15.56 25.52
CA ILE D 41 -1.01 15.95 24.12
CA ILE D 41 -1.02 15.95 24.11
C ILE D 41 0.13 16.91 23.81
N ALA D 42 1.07 16.46 22.96
CA ALA D 42 2.25 17.26 22.61
C ALA D 42 2.01 17.96 21.28
N VAL D 43 1.72 19.25 21.34
CA VAL D 43 1.42 20.04 20.15
C VAL D 43 2.73 20.61 19.59
N ALA D 44 3.15 20.12 18.43
CA ALA D 44 4.42 20.55 17.84
C ALA D 44 4.24 21.85 17.07
N ALA D 45 5.20 22.76 17.24
CA ALA D 45 5.15 24.04 16.56
C ALA D 45 5.03 23.85 15.04
N SER D 46 5.88 23.00 14.47
CA SER D 46 5.83 22.62 13.06
C SER D 46 5.89 23.79 12.08
N PRO D 47 6.92 24.64 12.17
CA PRO D 47 6.91 25.87 11.36
C PRO D 47 7.02 25.63 9.86
N LYS D 48 7.63 24.54 9.43
CA LYS D 48 7.76 24.31 7.99
C LYS D 48 6.46 23.80 7.37
N LYS D 49 5.48 23.41 8.17
CA LYS D 49 4.14 23.11 7.68
C LYS D 49 3.26 24.35 7.57
N ASN D 50 3.76 25.52 7.95
CA ASN D 50 2.99 26.76 7.96
C ASN D 50 1.59 26.58 8.54
N PRO D 51 1.48 26.28 9.84
CA PRO D 51 0.15 25.95 10.39
C PRO D 51 -0.82 27.11 10.27
N LEU D 52 -2.09 26.78 10.02
CA LEU D 52 -3.11 27.82 9.94
C LEU D 52 -3.23 28.57 11.25
N PHE D 53 -3.26 27.83 12.36
CA PHE D 53 -3.39 28.38 13.70
C PHE D 53 -2.02 28.49 14.37
N SER D 54 -1.85 29.51 15.20
CA SER D 54 -0.64 29.61 15.99
C SER D 54 -0.54 28.43 16.96
N LEU D 55 0.68 28.19 17.46
CA LEU D 55 0.88 27.12 18.45
C LEU D 55 0.00 27.34 19.68
N GLU D 56 -0.04 28.57 20.19
CA GLU D 56 -0.87 28.87 21.35
C GLU D 56 -2.34 28.59 21.08
N GLN D 57 -2.82 28.92 19.88
CA GLN D 57 -4.22 28.64 19.57
C GLN D 57 -4.46 27.14 19.44
N ARG D 58 -3.54 26.40 18.83
CA ARG D 58 -3.71 24.96 18.71
C ARG D 58 -3.72 24.30 20.08
N VAL D 59 -2.83 24.76 20.98
CA VAL D 59 -2.81 24.26 22.34
C VAL D 59 -4.14 24.54 23.04
N ALA D 60 -4.66 25.76 22.89
CA ALA D 60 -5.87 26.15 23.61
C ALA D 60 -7.08 25.32 23.16
N LEU D 61 -7.21 25.12 21.85
CA LEU D 61 -8.31 24.31 21.35
C LEU D 61 -8.22 22.86 21.83
N ALA D 62 -7.01 22.29 21.81
CA ALA D 62 -6.84 20.92 22.25
C ALA D 62 -7.21 20.78 23.73
N GLN D 63 -6.86 21.78 24.55
CA GLN D 63 -7.26 21.80 25.94
C GLN D 63 -8.77 21.93 26.09
N GLU D 64 -9.37 22.85 25.33
CA GLU D 64 -10.81 23.04 25.43
C GLU D 64 -11.55 21.76 25.07
N VAL D 65 -11.07 21.04 24.06
CA VAL D 65 -11.73 19.82 23.61
C VAL D 65 -11.54 18.66 24.60
N THR D 66 -10.44 18.64 25.36
CA THR D 66 -10.12 17.52 26.24
C THR D 66 -10.22 17.89 27.71
N LYS D 67 -10.70 19.09 28.01
CA LYS D 67 -10.74 19.60 29.37
C LYS D 67 -11.55 18.72 30.30
N HIS D 68 -12.57 18.04 29.76
CA HIS D 68 -13.47 17.20 30.54
C HIS D 68 -12.85 15.88 30.96
N LEU D 69 -11.75 15.49 30.40
CA LEU D 69 -11.18 14.20 30.71
C LEU D 69 -10.35 14.26 32.00
N PRO D 70 -10.24 13.13 32.70
CA PRO D 70 -9.60 13.17 34.02
C PRO D 70 -8.09 13.33 33.98
N ASN D 71 -7.42 12.95 32.88
CA ASN D 71 -5.98 12.77 32.98
C ASN D 71 -5.22 13.20 31.72
N VAL D 72 -5.72 14.19 31.00
CA VAL D 72 -5.15 14.60 29.74
C VAL D 72 -4.65 16.03 29.87
N GLU D 73 -3.40 16.24 29.49
CA GLU D 73 -2.78 17.54 29.60
C GLU D 73 -2.23 17.90 28.23
N VAL D 74 -2.25 19.19 27.89
CA VAL D 74 -1.80 19.67 26.59
C VAL D 74 -0.63 20.63 26.78
N VAL D 75 0.45 20.37 26.05
CA VAL D 75 1.68 21.17 26.16
C VAL D 75 2.18 21.42 24.74
N GLY D 76 2.52 22.66 24.42
CA GLY D 76 3.17 22.95 23.15
C GLY D 76 4.67 22.79 23.26
N PHE D 77 5.32 22.51 22.12
CA PHE D 77 6.77 22.36 22.12
C PHE D 77 7.36 22.68 20.74
N SER D 78 8.53 23.32 20.75
CA SER D 78 9.23 23.69 19.54
C SER D 78 10.51 22.90 19.33
N THR D 79 10.85 22.02 20.26
CA THR D 79 12.11 21.28 20.29
C THR D 79 11.98 19.93 19.59
N LEU D 80 13.09 19.18 19.59
CA LEU D 80 13.09 17.84 19.03
C LEU D 80 12.20 16.94 19.88
N LEU D 81 11.31 16.18 19.20
CA LEU D 81 10.41 15.29 19.92
C LEU D 81 11.20 14.34 20.80
N ALA D 82 12.28 13.78 20.26
CA ALA D 82 13.10 12.84 21.03
C ALA D 82 13.67 13.47 22.30
N HIS D 83 13.91 14.79 22.31
CA HIS D 83 14.34 15.44 23.55
C HIS D 83 13.17 15.79 24.44
N PHE D 84 12.06 16.24 23.84
CA PHE D 84 10.91 16.65 24.62
C PHE D 84 10.36 15.50 25.48
N VAL D 85 10.33 14.29 24.92
CA VAL D 85 9.71 13.17 25.65
C VAL D 85 10.46 12.89 26.95
N LYS D 86 11.76 13.13 26.97
CA LYS D 86 12.52 12.94 28.20
C LYS D 86 12.25 14.07 29.18
N GLU D 87 12.11 15.30 28.67
CA GLU D 87 11.72 16.39 29.57
C GLU D 87 10.39 16.09 30.23
N GLN D 88 9.49 15.48 29.50
CA GLN D 88 8.15 15.18 29.98
C GLN D 88 8.08 13.86 30.74
N LYS D 89 9.20 13.11 30.82
CA LYS D 89 9.25 11.86 31.59
C LYS D 89 8.22 10.85 31.10
N ALA D 90 8.10 10.74 29.79
CA ALA D 90 7.17 9.84 29.15
C ALA D 90 7.90 8.66 28.52
N ASN D 91 7.29 7.49 28.54
CA ASN D 91 7.94 6.32 27.96
C ASN D 91 7.26 5.79 26.71
N VAL D 92 6.20 6.43 26.22
CA VAL D 92 5.45 5.95 25.06
C VAL D 92 5.10 7.08 24.12
N PHE D 93 5.38 6.89 22.82
CA PHE D 93 4.81 7.72 21.78
C PHE D 93 3.51 7.06 21.33
N LEU D 94 2.42 7.80 21.41
CA LEU D 94 1.14 7.30 20.95
C LEU D 94 0.85 7.88 19.56
N ARG D 95 0.49 7.00 18.62
CA ARG D 95 0.19 7.42 17.27
C ARG D 95 -1.13 6.80 16.81
N GLY D 96 -1.86 7.54 15.98
CA GLY D 96 -3.10 7.05 15.40
C GLY D 96 -2.87 6.25 14.13
N LEU D 97 -3.39 5.05 14.11
CA LEU D 97 -3.28 4.15 12.99
C LEU D 97 -4.66 3.95 12.40
N ARG D 98 -4.80 4.28 11.11
CA ARG D 98 -6.06 4.23 10.38
C ARG D 98 -5.80 3.50 9.08
N ALA D 99 -6.87 3.03 8.44
CA ALA D 99 -6.71 2.31 7.18
C ALA D 99 -6.06 3.18 6.11
N VAL D 100 -6.24 4.49 6.19
CA VAL D 100 -5.66 5.44 5.24
C VAL D 100 -4.42 6.12 5.83
N SER D 101 -3.85 5.52 6.88
CA SER D 101 -2.63 6.09 7.46
C SER D 101 -1.50 6.00 6.47
N ASP D 102 -0.56 6.93 6.63
CA ASP D 102 0.63 6.99 5.81
C ASP D 102 1.65 6.04 6.42
N PHE D 103 1.57 4.76 6.03
CA PHE D 103 2.33 3.73 6.74
C PHE D 103 3.84 3.89 6.56
N GLU D 104 4.29 4.21 5.35
CA GLU D 104 5.71 4.41 5.10
C GLU D 104 6.27 5.47 6.05
N TYR D 105 5.56 6.58 6.21
CA TYR D 105 6.05 7.63 7.09
C TYR D 105 6.05 7.18 8.55
N GLU D 106 5.00 6.46 8.97
CA GLU D 106 4.93 6.06 10.37
C GLU D 106 6.10 5.16 10.75
N PHE D 107 6.53 4.29 9.82
CA PHE D 107 7.65 3.40 10.10
C PHE D 107 8.99 4.12 10.10
N GLN D 108 9.19 5.09 9.19
CA GLN D 108 10.42 5.88 9.24
C GLN D 108 10.50 6.66 10.54
N LEU D 109 9.39 7.27 10.93
CA LEU D 109 9.31 8.05 12.16
C LEU D 109 9.60 7.19 13.38
N ALA D 110 8.90 6.07 13.50
CA ALA D 110 9.09 5.23 14.68
C ALA D 110 10.49 4.66 14.72
N ASN D 111 11.03 4.30 13.56
CA ASN D 111 12.35 3.68 13.55
C ASN D 111 13.45 4.70 13.86
N MET D 112 13.35 5.91 13.31
CA MET D 112 14.35 6.92 13.60
C MET D 112 14.27 7.39 15.06
N ASN D 113 13.06 7.56 15.59
CA ASN D 113 12.94 7.92 17.00
C ASN D 113 13.43 6.81 17.92
N ARG D 114 13.29 5.55 17.49
CA ARG D 114 13.85 4.45 18.26
C ARG D 114 15.36 4.55 18.35
N GLN D 115 16.00 5.09 17.30
CA GLN D 115 17.44 5.33 17.36
C GLN D 115 17.77 6.47 18.31
N LEU D 116 16.95 7.52 18.31
CA LEU D 116 17.24 8.69 19.14
C LEU D 116 16.80 8.53 20.59
N ALA D 117 15.73 7.78 20.83
CA ALA D 117 15.18 7.58 22.17
C ALA D 117 14.80 6.11 22.29
N PRO D 118 15.79 5.24 22.54
CA PRO D 118 15.54 3.79 22.47
C PRO D 118 14.56 3.26 23.51
N ASP D 119 14.42 3.92 24.66
CA ASP D 119 13.57 3.43 25.74
C ASP D 119 12.14 3.93 25.64
N VAL D 120 11.80 4.60 24.55
CA VAL D 120 10.45 5.09 24.34
C VAL D 120 9.81 4.21 23.26
N GLU D 121 8.73 3.55 23.62
CA GLU D 121 8.02 2.73 22.65
C GLU D 121 7.08 3.59 21.82
N SER D 122 6.95 3.21 20.55
CA SER D 122 5.96 3.78 19.66
C SER D 122 4.75 2.86 19.66
N MET D 123 3.58 3.40 19.99
CA MET D 123 2.41 2.56 20.15
C MET D 123 1.29 3.10 19.28
N PHE D 124 0.56 2.21 18.61
CA PHE D 124 -0.50 2.62 17.69
C PHE D 124 -1.85 2.17 18.20
N LEU D 125 -2.78 3.11 18.25
CA LEU D 125 -4.18 2.85 18.54
C LEU D 125 -5.00 3.13 17.30
N THR D 126 -6.16 2.52 17.24
CA THR D 126 -7.07 2.75 16.15
C THR D 126 -8.27 3.55 16.63
N PRO D 127 -8.64 4.61 15.93
CA PRO D 127 -9.85 5.36 16.30
C PRO D 127 -11.10 4.63 15.76
N SER D 128 -12.26 5.08 16.21
CA SER D 128 -13.51 4.51 15.73
C SER D 128 -13.63 4.70 14.23
N GLU D 129 -14.18 3.68 13.55
CA GLU D 129 -14.35 3.74 12.10
C GLU D 129 -15.00 5.04 11.65
N LYS D 130 -15.96 5.53 12.44
CA LYS D 130 -16.72 6.71 12.06
C LYS D 130 -15.81 7.93 11.91
N TYR D 131 -14.66 7.97 12.57
CA TYR D 131 -13.82 9.15 12.52
C TYR D 131 -12.49 8.93 11.83
N SER D 132 -12.20 7.70 11.38
CA SER D 132 -10.85 7.37 10.95
C SER D 132 -10.44 8.08 9.65
N PHE D 133 -11.39 8.58 8.87
CA PHE D 133 -11.09 9.17 7.58
C PHE D 133 -11.00 10.70 7.61
N ILE D 134 -11.12 11.31 8.78
CA ILE D 134 -11.08 12.76 8.87
C ILE D 134 -9.65 13.23 8.65
N SER D 135 -9.48 14.27 7.84
CA SER D 135 -8.18 14.85 7.57
C SER D 135 -8.16 16.29 8.05
N SER D 136 -7.16 16.61 8.88
CA SER D 136 -6.97 17.99 9.29
C SER D 136 -6.86 18.92 8.08
N THR D 137 -6.08 18.52 7.07
CA THR D 137 -5.92 19.35 5.88
C THR D 137 -7.27 19.59 5.19
N LEU D 138 -8.04 18.54 4.99
CA LEU D 138 -9.32 18.69 4.31
C LEU D 138 -10.29 19.52 5.16
N VAL D 139 -10.19 19.43 6.49
CA VAL D 139 -11.00 20.32 7.33
C VAL D 139 -10.65 21.79 7.05
N ARG D 140 -9.36 22.12 7.01
CA ARG D 140 -8.98 23.51 6.75
C ARG D 140 -9.51 23.98 5.41
N GLU D 141 -9.35 23.16 4.37
CA GLU D 141 -9.78 23.55 3.01
C GLU D 141 -11.29 23.72 2.92
N ILE D 142 -12.04 22.81 3.54
CA ILE D 142 -13.48 22.94 3.52
C ILE D 142 -13.91 24.20 4.24
N ALA D 143 -13.27 24.48 5.38
CA ALA D 143 -13.61 25.67 6.16
C ALA D 143 -13.31 26.95 5.38
N ALA D 144 -12.16 27.01 4.71
CA ALA D 144 -11.81 28.22 3.95
C ALA D 144 -12.83 28.50 2.86
N LEU D 145 -13.50 27.46 2.37
CA LEU D 145 -14.52 27.61 1.34
C LEU D 145 -15.93 27.63 1.93
N GLY D 146 -16.06 27.83 3.23
CA GLY D 146 -17.36 28.03 3.82
C GLY D 146 -18.22 26.80 3.90
N GLY D 147 -17.60 25.61 3.97
CA GLY D 147 -18.35 24.38 4.13
C GLY D 147 -18.62 24.06 5.59
N ASP D 148 -19.64 23.23 5.79
CA ASP D 148 -20.06 22.80 7.13
C ASP D 148 -19.08 21.78 7.67
N ILE D 149 -18.35 22.14 8.72
CA ILE D 149 -17.38 21.20 9.28
C ILE D 149 -17.80 20.67 10.66
N SER D 150 -19.06 20.86 11.05
CA SER D 150 -19.50 20.41 12.36
C SER D 150 -19.45 18.88 12.48
N LYS D 151 -19.49 18.15 11.39
CA LYS D 151 -19.35 16.69 11.51
C LYS D 151 -17.91 16.24 11.74
N PHE D 152 -16.91 17.12 11.58
CA PHE D 152 -15.51 16.71 11.62
C PHE D 152 -14.75 17.19 12.86
N VAL D 153 -15.24 18.22 13.54
CA VAL D 153 -14.49 18.87 14.60
C VAL D 153 -15.43 19.21 15.75
N HIS D 154 -14.82 19.46 16.91
CA HIS D 154 -15.54 19.86 18.09
C HIS D 154 -16.14 21.24 17.87
N PRO D 155 -17.30 21.52 18.49
CA PRO D 155 -17.91 22.86 18.31
C PRO D 155 -16.97 24.02 18.57
N ALA D 156 -16.11 23.92 19.57
CA ALA D 156 -15.15 24.99 19.83
C ALA D 156 -14.19 25.16 18.67
N VAL D 157 -13.82 24.07 18.01
CA VAL D 157 -12.93 24.16 16.85
C VAL D 157 -13.66 24.70 15.63
N ALA D 158 -14.93 24.33 15.45
CA ALA D 158 -15.71 24.86 14.34
C ALA D 158 -15.84 26.37 14.44
N ASP D 159 -16.13 26.86 15.64
CA ASP D 159 -16.25 28.29 15.83
C ASP D 159 -14.94 29.00 15.51
N ALA D 160 -13.82 28.40 15.90
CA ALA D 160 -12.54 29.04 15.68
C ALA D 160 -12.19 29.07 14.20
N LEU D 161 -12.53 28.01 13.47
CA LEU D 161 -12.28 27.99 12.03
C LEU D 161 -13.12 29.03 11.30
N ALA D 162 -14.39 29.19 11.70
CA ALA D 162 -15.22 30.19 11.06
C ALA D 162 -14.69 31.59 11.35
N GLU D 163 -14.28 31.84 12.60
CA GLU D 163 -13.72 33.14 12.94
C GLU D 163 -12.47 33.45 12.11
N ARG D 164 -11.63 32.44 11.88
CA ARG D 164 -10.41 32.66 11.11
C ARG D 164 -10.70 33.04 9.66
N PHE D 165 -11.81 32.54 9.10
CA PHE D 165 -12.15 32.82 7.71
C PHE D 165 -13.30 33.82 7.54
N ALA E 2 -18.55 6.74 -32.79
CA ALA E 2 -19.99 6.55 -32.62
C ALA E 2 -20.51 7.35 -31.43
N HIS E 3 -21.73 7.89 -31.55
CA HIS E 3 -22.39 8.56 -30.42
C HIS E 3 -23.87 8.77 -30.75
N HIS E 4 -24.64 9.01 -29.69
CA HIS E 4 -26.04 9.41 -29.83
C HIS E 4 -26.32 10.47 -28.76
N HIS E 5 -27.53 11.03 -28.80
CA HIS E 5 -27.94 12.10 -27.89
C HIS E 5 -29.19 11.75 -27.08
N HIS E 6 -29.49 10.47 -26.90
CA HIS E 6 -30.59 10.05 -26.03
C HIS E 6 -30.01 9.43 -24.76
N HIS E 7 -30.90 8.95 -23.88
CA HIS E 7 -30.44 8.49 -22.57
C HIS E 7 -29.55 7.27 -22.69
N HIS E 8 -28.44 7.27 -21.96
CA HIS E 8 -27.52 6.14 -21.96
C HIS E 8 -28.04 5.11 -20.96
N MET E 9 -28.43 3.95 -21.45
CA MET E 9 -28.99 2.88 -20.62
C MET E 9 -27.86 1.89 -20.31
N ASN E 10 -27.33 1.98 -19.10
CA ASN E 10 -26.29 1.11 -18.62
C ASN E 10 -26.87 -0.13 -17.98
N ARG E 11 -26.25 -1.27 -18.25
CA ARG E 11 -26.64 -2.52 -17.62
C ARG E 11 -25.39 -2.94 -16.86
N VAL E 12 -25.46 -2.93 -15.54
CA VAL E 12 -24.26 -3.06 -14.71
C VAL E 12 -24.28 -4.43 -14.06
N LEU E 13 -23.18 -5.16 -14.20
CA LEU E 13 -23.03 -6.51 -13.68
C LEU E 13 -22.06 -6.49 -12.50
N TYR E 14 -22.49 -7.03 -11.37
CA TYR E 14 -21.75 -7.01 -10.11
C TYR E 14 -21.37 -8.45 -9.76
N PRO E 15 -20.19 -8.91 -10.14
CA PRO E 15 -19.83 -10.31 -9.94
C PRO E 15 -19.21 -10.54 -8.58
N GLY E 16 -19.39 -11.75 -8.06
CA GLY E 16 -18.76 -12.11 -6.81
C GLY E 16 -19.16 -13.50 -6.40
N THR E 17 -18.52 -13.97 -5.33
CA THR E 17 -18.83 -15.31 -4.84
C THR E 17 -20.03 -15.28 -3.91
N PHE E 18 -20.16 -14.22 -3.11
CA PHE E 18 -21.28 -14.00 -2.19
C PHE E 18 -21.55 -15.20 -1.29
N ASP E 19 -20.55 -15.53 -0.46
CA ASP E 19 -20.56 -16.72 0.40
C ASP E 19 -20.39 -16.31 1.87
N PRO E 20 -21.41 -15.68 2.45
CA PRO E 20 -22.68 -15.25 1.89
C PRO E 20 -22.64 -13.77 1.53
N ILE E 21 -23.71 -13.28 0.91
CA ILE E 21 -23.85 -11.85 0.71
C ILE E 21 -23.92 -11.15 2.07
N THR E 22 -23.27 -10.01 2.19
CA THR E 22 -23.20 -9.28 3.46
C THR E 22 -23.82 -7.89 3.32
N LYS E 23 -23.91 -7.19 4.44
CA LYS E 23 -24.41 -5.83 4.42
C LYS E 23 -23.49 -4.91 3.62
N GLY E 24 -22.21 -5.25 3.51
CA GLY E 24 -21.32 -4.50 2.65
C GLY E 24 -21.76 -4.59 1.19
N HIS E 25 -21.94 -5.82 0.70
CA HIS E 25 -22.47 -6.01 -0.64
C HIS E 25 -23.84 -5.34 -0.77
N GLY E 26 -24.70 -5.55 0.23
CA GLY E 26 -26.05 -5.00 0.16
C GLY E 26 -26.06 -3.48 0.02
N ASP E 27 -25.20 -2.79 0.77
CA ASP E 27 -25.09 -1.35 0.66
C ASP E 27 -24.59 -0.94 -0.74
N LEU E 28 -23.60 -1.67 -1.25
CA LEU E 28 -23.10 -1.41 -2.61
C LEU E 28 -24.22 -1.60 -3.64
N ILE E 29 -25.00 -2.69 -3.50
CA ILE E 29 -26.09 -2.93 -4.44
C ILE E 29 -27.13 -1.82 -4.36
N GLU E 30 -27.45 -1.36 -3.14
CA GLU E 30 -28.39 -0.25 -3.00
C GLU E 30 -27.90 0.98 -3.77
N ARG E 31 -26.62 1.34 -3.61
CA ARG E 31 -26.13 2.54 -4.27
C ARG E 31 -26.16 2.37 -5.79
N ALA E 32 -25.71 1.20 -6.26
CA ALA E 32 -25.72 0.91 -7.68
C ALA E 32 -27.14 0.94 -8.24
N SER E 33 -28.10 0.42 -7.47
CA SER E 33 -29.49 0.41 -7.91
C SER E 33 -30.02 1.82 -8.17
N ARG E 34 -29.63 2.77 -7.32
CA ARG E 34 -30.09 4.15 -7.45
C ARG E 34 -29.42 4.89 -8.59
N LEU E 35 -28.25 4.41 -9.05
CA LEU E 35 -27.44 5.09 -10.07
C LEU E 35 -27.69 4.59 -11.48
N PHE E 36 -28.02 3.31 -11.64
CA PHE E 36 -28.02 2.69 -12.94
C PHE E 36 -29.40 2.15 -13.30
N ASP E 37 -29.59 1.97 -14.60
CA ASP E 37 -30.90 1.57 -15.10
C ASP E 37 -31.21 0.12 -14.71
N HIS E 38 -30.23 -0.76 -14.83
CA HIS E 38 -30.40 -2.16 -14.43
C HIS E 38 -29.15 -2.60 -13.71
N VAL E 39 -29.32 -3.49 -12.73
CA VAL E 39 -28.21 -4.06 -11.96
C VAL E 39 -28.39 -5.57 -11.90
N ILE E 40 -27.34 -6.31 -12.25
CA ILE E 40 -27.35 -7.76 -12.26
C ILE E 40 -26.36 -8.23 -11.20
N ILE E 41 -26.86 -8.89 -10.17
CA ILE E 41 -25.98 -9.58 -9.24
C ILE E 41 -25.60 -10.89 -9.91
N ALA E 42 -24.32 -11.05 -10.22
CA ALA E 42 -23.80 -12.24 -10.90
C ALA E 42 -23.05 -13.09 -9.88
N VAL E 43 -23.69 -14.18 -9.43
CA VAL E 43 -23.11 -15.02 -8.39
C VAL E 43 -22.32 -16.13 -9.08
N ALA E 44 -21.01 -16.09 -8.93
CA ALA E 44 -20.14 -17.08 -9.56
C ALA E 44 -20.09 -18.35 -8.74
N ALA E 45 -20.10 -19.49 -9.45
CA ALA E 45 -20.00 -20.78 -8.80
C ALA E 45 -18.76 -20.88 -7.94
N SER E 46 -17.60 -20.55 -8.51
CA SER E 46 -16.33 -20.54 -7.80
C SER E 46 -16.08 -21.87 -7.08
N PRO E 47 -16.09 -22.99 -7.81
CA PRO E 47 -16.01 -24.29 -7.13
C PRO E 47 -14.70 -24.50 -6.41
N LYS E 48 -13.63 -23.86 -6.89
CA LYS E 48 -12.32 -24.00 -6.25
C LYS E 48 -12.19 -23.19 -4.98
N LYS E 49 -13.10 -22.27 -4.71
CA LYS E 49 -13.09 -21.60 -3.41
C LYS E 49 -13.76 -22.44 -2.32
N ASN E 50 -14.30 -23.62 -2.67
CA ASN E 50 -15.05 -24.49 -1.77
C ASN E 50 -16.07 -23.67 -0.96
N PRO E 51 -17.06 -23.07 -1.62
CA PRO E 51 -17.98 -22.19 -0.90
C PRO E 51 -18.77 -22.93 0.18
N LEU E 52 -19.01 -22.23 1.29
CA LEU E 52 -19.80 -22.79 2.38
C LEU E 52 -21.21 -23.10 1.90
N PHE E 53 -21.85 -22.14 1.23
CA PHE E 53 -23.20 -22.28 0.75
C PHE E 53 -23.20 -22.66 -0.73
N SER E 54 -24.14 -23.51 -1.12
CA SER E 54 -24.26 -23.86 -2.53
C SER E 54 -24.62 -22.63 -3.33
N LEU E 55 -24.41 -22.75 -4.64
CA LEU E 55 -24.79 -21.67 -5.55
C LEU E 55 -26.27 -21.36 -5.45
N GLU E 56 -27.13 -22.39 -5.43
CA GLU E 56 -28.56 -22.14 -5.38
C GLU E 56 -28.94 -21.35 -4.14
N GLN E 57 -28.32 -21.64 -3.01
CA GLN E 57 -28.58 -20.88 -1.78
C GLN E 57 -28.06 -19.45 -1.87
N ARG E 58 -26.85 -19.28 -2.42
CA ARG E 58 -26.27 -17.95 -2.50
C ARG E 58 -27.12 -17.05 -3.38
N VAL E 59 -27.56 -17.55 -4.53
CA VAL E 59 -28.48 -16.82 -5.38
C VAL E 59 -29.77 -16.54 -4.62
N ALA E 60 -30.31 -17.56 -3.96
CA ALA E 60 -31.57 -17.39 -3.25
C ALA E 60 -31.44 -16.35 -2.15
N LEU E 61 -30.35 -16.39 -1.40
CA LEU E 61 -30.10 -15.38 -0.38
C LEU E 61 -29.97 -13.99 -0.99
N ALA E 62 -29.22 -13.88 -2.10
CA ALA E 62 -29.06 -12.58 -2.73
C ALA E 62 -30.39 -12.07 -3.26
N GLN E 63 -31.23 -12.97 -3.77
CA GLN E 63 -32.55 -12.55 -4.20
C GLN E 63 -33.35 -11.99 -3.03
N GLU E 64 -33.34 -12.69 -1.89
CA GLU E 64 -34.10 -12.20 -0.74
C GLU E 64 -33.59 -10.85 -0.24
N VAL E 65 -32.28 -10.67 -0.20
CA VAL E 65 -31.75 -9.42 0.36
C VAL E 65 -32.07 -8.23 -0.53
N THR E 66 -32.27 -8.45 -1.83
CA THR E 66 -32.47 -7.33 -2.76
C THR E 66 -33.85 -7.28 -3.42
N LYS E 67 -34.80 -8.14 -3.04
CA LYS E 67 -36.06 -8.21 -3.78
C LYS E 67 -36.80 -6.87 -3.75
N HIS E 68 -36.55 -6.05 -2.74
CA HIS E 68 -37.14 -4.72 -2.67
C HIS E 68 -36.55 -3.77 -3.71
N LEU E 69 -35.44 -4.13 -4.36
CA LEU E 69 -35.06 -3.13 -5.35
C LEU E 69 -35.71 -3.45 -6.70
N PRO E 70 -36.24 -2.47 -7.44
CA PRO E 70 -37.03 -2.79 -8.64
C PRO E 70 -36.21 -3.12 -9.89
N ASN E 71 -34.93 -2.76 -9.93
CA ASN E 71 -34.12 -2.85 -11.15
C ASN E 71 -32.92 -3.76 -10.91
N VAL E 72 -33.07 -4.74 -10.02
CA VAL E 72 -32.02 -5.67 -9.66
C VAL E 72 -32.46 -7.08 -10.01
N GLU E 73 -31.59 -7.83 -10.67
CA GLU E 73 -31.79 -9.23 -11.02
C GLU E 73 -30.60 -10.01 -10.47
N VAL E 74 -30.86 -11.24 -10.05
CA VAL E 74 -29.81 -12.09 -9.50
C VAL E 74 -29.70 -13.34 -10.35
N VAL E 75 -28.47 -13.64 -10.78
CA VAL E 75 -28.21 -14.75 -11.67
C VAL E 75 -26.95 -15.45 -11.22
N GLY E 76 -27.00 -16.77 -11.15
CA GLY E 76 -25.81 -17.57 -10.98
C GLY E 76 -25.22 -17.96 -12.33
N PHE E 77 -23.91 -18.18 -12.35
CA PHE E 77 -23.21 -18.55 -13.56
C PHE E 77 -21.95 -19.33 -13.19
N SER E 78 -21.60 -20.29 -14.04
CA SER E 78 -20.43 -21.12 -13.89
C SER E 78 -19.38 -20.88 -14.97
N THR E 79 -19.66 -20.02 -15.93
CA THR E 79 -18.80 -19.83 -17.09
C THR E 79 -17.79 -18.71 -16.82
N LEU E 80 -16.96 -18.45 -17.82
CA LEU E 80 -16.02 -17.34 -17.73
C LEU E 80 -16.80 -16.03 -17.69
N LEU E 81 -16.45 -15.15 -16.74
CA LEU E 81 -17.12 -13.87 -16.57
C LEU E 81 -17.10 -13.06 -17.86
N ALA E 82 -15.95 -13.06 -18.53
CA ALA E 82 -15.86 -12.31 -19.77
C ALA E 82 -16.84 -12.83 -20.82
N HIS E 83 -17.19 -14.13 -20.79
CA HIS E 83 -18.23 -14.61 -21.68
C HIS E 83 -19.61 -14.32 -21.11
N PHE E 84 -19.78 -14.49 -19.78
CA PHE E 84 -21.10 -14.31 -19.21
C PHE E 84 -21.59 -12.89 -19.38
N VAL E 85 -20.70 -11.90 -19.24
CA VAL E 85 -21.12 -10.51 -19.31
C VAL E 85 -21.74 -10.18 -20.67
N LYS E 86 -21.25 -10.80 -21.75
CA LYS E 86 -21.81 -10.54 -23.07
C LYS E 86 -23.16 -11.25 -23.22
N GLU E 87 -23.31 -12.45 -22.66
CA GLU E 87 -24.61 -13.10 -22.63
C GLU E 87 -25.64 -12.22 -21.94
N GLN E 88 -25.23 -11.53 -20.89
CA GLN E 88 -26.15 -10.72 -20.11
C GLN E 88 -26.32 -9.33 -20.71
N LYS E 89 -25.57 -9.01 -21.79
CA LYS E 89 -25.68 -7.72 -22.47
C LYS E 89 -25.42 -6.57 -21.50
N ALA E 90 -24.43 -6.74 -20.64
CA ALA E 90 -24.06 -5.71 -19.69
C ALA E 90 -22.80 -5.01 -20.18
N ASN E 91 -22.75 -3.70 -19.98
CA ASN E 91 -21.62 -2.93 -20.48
C ASN E 91 -20.72 -2.39 -19.36
N VAL E 92 -20.97 -2.76 -18.11
CA VAL E 92 -20.20 -2.29 -16.97
C VAL E 92 -20.01 -3.43 -15.96
N PHE E 93 -18.76 -3.65 -15.53
CA PHE E 93 -18.43 -4.44 -14.35
C PHE E 93 -18.45 -3.51 -13.15
N LEU E 94 -19.24 -3.85 -12.13
CA LEU E 94 -19.25 -3.11 -10.87
C LEU E 94 -18.44 -3.85 -9.83
N ARG E 95 -17.55 -3.12 -9.15
CA ARG E 95 -16.76 -3.69 -8.08
C ARG E 95 -16.78 -2.76 -6.86
N GLY E 96 -16.76 -3.38 -5.69
CA GLY E 96 -16.72 -2.61 -4.46
C GLY E 96 -15.30 -2.21 -4.18
N LEU E 97 -15.11 -0.95 -3.83
CA LEU E 97 -13.80 -0.44 -3.49
C LEU E 97 -13.83 0.01 -2.03
N ARG E 98 -12.92 -0.54 -1.23
CA ARG E 98 -12.84 -0.25 0.20
C ARG E 98 -11.42 0.06 0.59
N ALA E 99 -11.27 0.71 1.74
CA ALA E 99 -9.94 1.04 2.25
C ALA E 99 -9.11 -0.23 2.48
N VAL E 100 -9.78 -1.36 2.72
CA VAL E 100 -9.15 -2.65 2.94
C VAL E 100 -9.19 -3.53 1.70
N SER E 101 -9.54 -2.96 0.55
CA SER E 101 -9.55 -3.76 -0.67
C SER E 101 -8.13 -4.18 -1.04
N ASP E 102 -8.04 -5.29 -1.77
CA ASP E 102 -6.78 -5.75 -2.35
C ASP E 102 -6.64 -5.07 -3.69
N PHE E 103 -6.02 -3.89 -3.69
CA PHE E 103 -6.02 -3.06 -4.88
C PHE E 103 -5.23 -3.74 -5.99
N GLU E 104 -4.14 -4.40 -5.63
CA GLU E 104 -3.34 -5.12 -6.60
C GLU E 104 -4.20 -6.08 -7.40
N TYR E 105 -5.02 -6.88 -6.71
CA TYR E 105 -5.81 -7.88 -7.42
C TYR E 105 -6.86 -7.22 -8.31
N GLU E 106 -7.52 -6.16 -7.82
CA GLU E 106 -8.57 -5.52 -8.60
C GLU E 106 -8.02 -5.00 -9.93
N PHE E 107 -6.79 -4.49 -9.93
CA PHE E 107 -6.21 -3.95 -11.16
C PHE E 107 -5.76 -5.04 -12.13
N GLN E 108 -5.27 -6.18 -11.63
CA GLN E 108 -4.96 -7.29 -12.53
C GLN E 108 -6.24 -7.81 -13.17
N LEU E 109 -7.28 -7.96 -12.34
CA LEU E 109 -8.57 -8.43 -12.82
C LEU E 109 -9.10 -7.51 -13.92
N ALA E 110 -9.13 -6.20 -13.65
CA ALA E 110 -9.69 -5.28 -14.64
C ALA E 110 -8.87 -5.27 -15.92
N ASN E 111 -7.54 -5.28 -15.80
CA ASN E 111 -6.70 -5.26 -16.99
C ASN E 111 -6.92 -6.50 -17.84
N MET E 112 -6.99 -7.68 -17.21
CA MET E 112 -7.14 -8.91 -17.99
C MET E 112 -8.53 -9.01 -18.58
N ASN E 113 -9.55 -8.58 -17.83
CA ASN E 113 -10.90 -8.55 -18.40
C ASN E 113 -11.04 -7.49 -19.48
N ARG E 114 -10.26 -6.40 -19.39
CA ARG E 114 -10.23 -5.44 -20.47
C ARG E 114 -9.68 -6.04 -21.75
N GLN E 115 -8.73 -6.98 -21.63
CA GLN E 115 -8.23 -7.64 -22.83
C GLN E 115 -9.28 -8.58 -23.40
N LEU E 116 -9.99 -9.30 -22.53
CA LEU E 116 -11.00 -10.27 -22.96
C LEU E 116 -12.32 -9.60 -23.28
N ALA E 117 -12.62 -8.46 -22.66
CA ALA E 117 -13.89 -7.78 -22.87
C ALA E 117 -13.65 -6.28 -22.98
N PRO E 118 -13.17 -5.83 -24.14
CA PRO E 118 -12.73 -4.42 -24.26
C PRO E 118 -13.83 -3.38 -24.13
N ASP E 119 -15.05 -3.71 -24.53
CA ASP E 119 -16.13 -2.73 -24.51
C ASP E 119 -16.90 -2.72 -23.20
N VAL E 120 -16.43 -3.47 -22.21
CA VAL E 120 -17.04 -3.49 -20.89
C VAL E 120 -16.18 -2.67 -19.96
N GLU E 121 -16.74 -1.60 -19.41
CA GLU E 121 -16.00 -0.73 -18.54
C GLU E 121 -15.98 -1.32 -17.13
N SER E 122 -14.84 -1.18 -16.45
CA SER E 122 -14.69 -1.57 -15.05
C SER E 122 -14.84 -0.35 -14.16
N MET E 123 -15.77 -0.44 -13.21
CA MET E 123 -16.13 0.70 -12.38
C MET E 123 -16.18 0.29 -10.91
N PHE E 124 -15.79 1.21 -10.04
CA PHE E 124 -15.77 0.97 -8.60
C PHE E 124 -16.69 1.95 -7.88
N LEU E 125 -17.45 1.42 -6.93
CA LEU E 125 -18.20 2.20 -5.95
C LEU E 125 -17.63 1.97 -4.56
N THR E 126 -17.90 2.91 -3.67
CA THR E 126 -17.49 2.76 -2.29
C THR E 126 -18.70 2.56 -1.38
N PRO E 127 -18.69 1.57 -0.50
CA PRO E 127 -19.80 1.37 0.43
C PRO E 127 -19.72 2.32 1.62
N SER E 128 -20.80 2.32 2.41
CA SER E 128 -20.84 3.13 3.62
C SER E 128 -19.68 2.72 4.51
N GLU E 129 -19.04 3.72 5.14
CA GLU E 129 -17.89 3.45 6.00
C GLU E 129 -18.20 2.37 7.02
N LYS E 130 -19.43 2.36 7.57
CA LYS E 130 -19.74 1.37 8.62
C LYS E 130 -19.70 -0.06 8.10
N TYR E 131 -19.85 -0.29 6.80
CA TYR E 131 -19.85 -1.66 6.30
C TYR E 131 -18.59 -2.00 5.52
N SER E 132 -17.67 -1.05 5.34
CA SER E 132 -16.58 -1.23 4.39
C SER E 132 -15.58 -2.30 4.85
N PHE E 133 -15.55 -2.62 6.14
CA PHE E 133 -14.58 -3.58 6.67
C PHE E 133 -15.13 -5.00 6.83
N ILE E 134 -16.39 -5.23 6.48
CA ILE E 134 -16.96 -6.57 6.65
C ILE E 134 -16.35 -7.49 5.60
N SER E 135 -15.91 -8.66 6.05
CA SER E 135 -15.31 -9.65 5.17
C SER E 135 -16.17 -10.90 5.22
N SER E 136 -16.58 -11.36 4.04
CA SER E 136 -17.37 -12.59 3.95
C SER E 136 -16.71 -13.76 4.67
N THR E 137 -15.39 -13.92 4.49
CA THR E 137 -14.64 -15.00 5.12
C THR E 137 -14.73 -14.92 6.64
N LEU E 138 -14.52 -13.73 7.20
CA LEU E 138 -14.57 -13.59 8.65
C LEU E 138 -15.99 -13.80 9.16
N VAL E 139 -17.01 -13.46 8.37
CA VAL E 139 -18.37 -13.75 8.79
C VAL E 139 -18.53 -15.26 8.99
N ARG E 140 -18.05 -16.06 8.04
CA ARG E 140 -18.14 -17.52 8.14
C ARG E 140 -17.40 -18.04 9.37
N GLU E 141 -16.17 -17.56 9.59
CA GLU E 141 -15.36 -18.02 10.71
C GLU E 141 -15.98 -17.60 12.05
N ILE E 142 -16.51 -16.38 12.11
CA ILE E 142 -17.16 -15.94 13.34
C ILE E 142 -18.41 -16.76 13.60
N ALA E 143 -19.19 -17.02 12.53
CA ALA E 143 -20.40 -17.81 12.66
C ALA E 143 -20.08 -19.24 13.09
N ALA E 144 -19.03 -19.84 12.50
CA ALA E 144 -18.69 -21.21 12.85
C ALA E 144 -18.26 -21.33 14.31
N LEU E 145 -17.72 -20.25 14.89
CA LEU E 145 -17.30 -20.29 16.28
C LEU E 145 -18.37 -19.73 17.22
N GLY E 146 -19.61 -19.58 16.74
CA GLY E 146 -20.73 -19.20 17.57
C GLY E 146 -20.79 -17.74 17.95
N GLY E 147 -20.21 -16.85 17.13
CA GLY E 147 -20.31 -15.43 17.38
C GLY E 147 -21.56 -14.80 16.79
N ASP E 148 -21.95 -13.66 17.33
CA ASP E 148 -23.10 -12.94 16.81
C ASP E 148 -22.70 -12.28 15.49
N ILE E 149 -23.27 -12.72 14.38
CA ILE E 149 -22.97 -12.12 13.09
C ILE E 149 -24.11 -11.23 12.61
N SER E 150 -25.09 -10.95 13.48
CA SER E 150 -26.25 -10.18 13.08
C SER E 150 -25.90 -8.75 12.71
N LYS E 151 -24.80 -8.23 13.24
CA LYS E 151 -24.42 -6.87 12.86
C LYS E 151 -23.81 -6.79 11.46
N PHE E 152 -23.50 -7.92 10.83
CA PHE E 152 -22.73 -7.96 9.59
C PHE E 152 -23.51 -8.37 8.35
N VAL E 153 -24.65 -9.04 8.51
CA VAL E 153 -25.39 -9.63 7.39
C VAL E 153 -26.88 -9.40 7.65
N HIS E 154 -27.66 -9.61 6.59
CA HIS E 154 -29.11 -9.48 6.63
C HIS E 154 -29.70 -10.61 7.50
N PRO E 155 -30.82 -10.35 8.19
CA PRO E 155 -31.42 -11.41 9.02
C PRO E 155 -31.63 -12.74 8.31
N ALA E 156 -32.02 -12.73 7.02
CA ALA E 156 -32.19 -13.98 6.29
C ALA E 156 -30.87 -14.72 6.15
N VAL E 157 -29.75 -13.99 6.03
CA VAL E 157 -28.44 -14.62 5.92
C VAL E 157 -27.99 -15.18 7.26
N ALA E 158 -28.25 -14.43 8.34
CA ALA E 158 -27.91 -14.90 9.67
C ALA E 158 -28.67 -16.19 10.00
N ASP E 159 -29.95 -16.26 9.64
CA ASP E 159 -30.70 -17.48 9.86
C ASP E 159 -30.06 -18.65 9.12
N ALA E 160 -29.66 -18.42 7.86
CA ALA E 160 -29.04 -19.49 7.09
C ALA E 160 -27.69 -19.88 7.69
N LEU E 161 -26.95 -18.91 8.22
CA LEU E 161 -25.68 -19.21 8.86
C LEU E 161 -25.87 -20.02 10.14
N ALA E 162 -26.88 -19.69 10.94
CA ALA E 162 -27.16 -20.47 12.14
C ALA E 162 -27.63 -21.87 11.76
N GLU E 163 -28.54 -21.95 10.79
CA GLU E 163 -29.02 -23.24 10.30
C GLU E 163 -27.89 -24.08 9.70
N ARG E 164 -26.91 -23.44 9.06
CA ARG E 164 -25.82 -24.20 8.43
C ARG E 164 -24.93 -24.88 9.47
N PHE E 165 -24.78 -24.29 10.65
CA PHE E 165 -23.89 -24.87 11.65
C PHE E 165 -24.66 -25.67 12.69
N LYS E 166 -25.63 -26.45 12.20
CA LYS E 166 -26.41 -27.43 12.96
C LYS E 166 -26.82 -26.92 14.34
N HIS F 8 28.75 -7.02 -22.36
CA HIS F 8 27.80 -6.70 -21.30
C HIS F 8 28.30 -5.63 -20.30
N MET F 9 29.07 -4.63 -20.77
CA MET F 9 29.60 -3.60 -19.89
C MET F 9 28.48 -2.63 -19.47
N ASN F 10 28.01 -2.76 -18.24
CA ASN F 10 26.96 -1.89 -17.70
C ASN F 10 27.53 -0.59 -17.13
N ARG F 11 26.88 0.52 -17.47
CA ARG F 11 27.14 1.84 -16.90
C ARG F 11 25.86 2.29 -16.21
N VAL F 12 25.91 2.40 -14.89
CA VAL F 12 24.73 2.54 -14.06
C VAL F 12 24.68 3.94 -13.48
N LEU F 13 23.52 4.59 -13.61
CA LEU F 13 23.31 5.95 -13.13
C LEU F 13 22.31 5.93 -11.97
N TYR F 14 22.71 6.53 -10.85
CA TYR F 14 21.93 6.56 -9.63
C TYR F 14 21.50 8.00 -9.37
N PRO F 15 20.31 8.40 -9.79
CA PRO F 15 19.87 9.79 -9.65
C PRO F 15 19.16 10.06 -8.34
N GLY F 16 19.30 11.31 -7.88
CA GLY F 16 18.63 11.76 -6.68
C GLY F 16 19.05 13.17 -6.32
N THR F 17 18.41 13.69 -5.28
CA THR F 17 18.75 15.02 -4.76
C THR F 17 19.93 14.98 -3.79
N PHE F 18 20.02 13.93 -2.97
CA PHE F 18 21.13 13.72 -2.04
C PHE F 18 21.38 14.94 -1.16
N ASP F 19 20.36 15.30 -0.38
CA ASP F 19 20.33 16.54 0.39
C ASP F 19 20.15 16.27 1.89
N PRO F 20 21.18 15.71 2.56
CA PRO F 20 22.45 15.26 2.04
C PRO F 20 22.39 13.77 1.78
N ILE F 21 23.49 13.23 1.25
CA ILE F 21 23.62 11.79 1.14
C ILE F 21 23.63 11.17 2.53
N THR F 22 22.93 10.05 2.70
CA THR F 22 22.80 9.37 3.99
C THR F 22 23.43 7.98 3.90
N LYS F 23 23.48 7.29 5.05
CA LYS F 23 23.98 5.93 5.07
C LYS F 23 23.12 4.98 4.24
N GLY F 24 21.83 5.29 4.04
CA GLY F 24 21.03 4.50 3.12
C GLY F 24 21.56 4.59 1.70
N HIS F 25 21.77 5.81 1.20
CA HIS F 25 22.39 5.98 -0.11
C HIS F 25 23.76 5.31 -0.17
N GLY F 26 24.56 5.50 0.87
CA GLY F 26 25.90 4.93 0.88
C GLY F 26 25.89 3.42 0.73
N ASP F 27 24.98 2.75 1.44
CA ASP F 27 24.91 1.30 1.35
C ASP F 27 24.52 0.86 -0.06
N LEU F 28 23.56 1.54 -0.65
CA LEU F 28 23.14 1.21 -2.00
C LEU F 28 24.30 1.39 -2.98
N ILE F 29 25.03 2.49 -2.84
CA ILE F 29 26.14 2.75 -3.75
C ILE F 29 27.22 1.69 -3.63
N GLU F 30 27.53 1.26 -2.41
CA GLU F 30 28.52 0.20 -2.25
C GLU F 30 28.10 -1.08 -2.96
N ARG F 31 26.85 -1.51 -2.77
CA ARG F 31 26.41 -2.73 -3.42
C ARG F 31 26.44 -2.55 -4.93
N ALA F 32 26.02 -1.38 -5.40
CA ALA F 32 26.04 -1.15 -6.85
C ALA F 32 27.47 -1.22 -7.39
N SER F 33 28.44 -0.66 -6.64
CA SER F 33 29.83 -0.63 -7.08
C SER F 33 30.38 -2.03 -7.29
N ARG F 34 29.97 -2.99 -6.45
CA ARG F 34 30.44 -4.36 -6.61
C ARG F 34 29.76 -5.07 -7.78
N LEU F 35 28.59 -4.60 -8.20
CA LEU F 35 27.79 -5.31 -9.19
C LEU F 35 28.09 -4.88 -10.61
N PHE F 36 28.42 -3.60 -10.82
CA PHE F 36 28.47 -3.04 -12.16
C PHE F 36 29.84 -2.47 -12.46
N ASP F 37 30.12 -2.31 -13.76
CA ASP F 37 31.43 -1.81 -14.17
C ASP F 37 31.62 -0.35 -13.76
N HIS F 38 30.59 0.48 -13.89
CA HIS F 38 30.71 1.90 -13.58
C HIS F 38 29.44 2.42 -12.96
N VAL F 39 29.59 3.31 -11.98
CA VAL F 39 28.46 3.91 -11.29
C VAL F 39 28.61 5.42 -11.33
N ILE F 40 27.55 6.11 -11.74
CA ILE F 40 27.53 7.56 -11.78
C ILE F 40 26.48 8.05 -10.79
N ILE F 41 26.92 8.78 -9.77
CA ILE F 41 25.97 9.39 -8.85
C ILE F 41 25.49 10.67 -9.49
N ALA F 42 24.23 10.69 -9.95
CA ALA F 42 23.71 11.87 -10.65
C ALA F 42 23.00 12.76 -9.63
N VAL F 43 23.64 13.86 -9.24
CA VAL F 43 23.10 14.76 -8.22
C VAL F 43 22.28 15.84 -8.91
N ALA F 44 20.96 15.80 -8.74
CA ALA F 44 20.06 16.74 -9.41
C ALA F 44 20.00 18.06 -8.67
N ALA F 45 20.02 19.17 -9.43
CA ALA F 45 19.96 20.50 -8.83
C ALA F 45 18.71 20.66 -7.99
N SER F 46 17.54 20.38 -8.57
CA SER F 46 16.26 20.45 -7.87
C SER F 46 16.06 21.82 -7.22
N PRO F 47 16.14 22.90 -7.97
CA PRO F 47 16.09 24.22 -7.32
C PRO F 47 14.76 24.49 -6.67
N LYS F 48 13.69 23.90 -7.18
CA LYS F 48 12.35 24.11 -6.65
C LYS F 48 12.03 23.26 -5.41
N LYS F 49 12.86 22.29 -5.10
CA LYS F 49 12.76 21.61 -3.82
C LYS F 49 13.41 22.42 -2.72
N ASN F 50 14.00 23.55 -3.05
CA ASN F 50 14.75 24.39 -2.13
C ASN F 50 15.72 23.59 -1.26
N PRO F 51 16.73 22.97 -1.87
CA PRO F 51 17.61 22.07 -1.12
C PRO F 51 18.39 22.84 -0.08
N LEU F 52 18.61 22.19 1.07
CA LEU F 52 19.38 22.78 2.17
C LEU F 52 20.83 23.02 1.76
N PHE F 53 21.49 22.03 1.18
CA PHE F 53 22.87 22.16 0.74
C PHE F 53 22.88 22.51 -0.73
N SER F 54 23.80 23.39 -1.13
CA SER F 54 23.94 23.75 -2.53
C SER F 54 24.31 22.53 -3.34
N LEU F 55 24.11 22.65 -4.66
CA LEU F 55 24.48 21.56 -5.56
C LEU F 55 25.96 21.21 -5.39
N GLU F 56 26.82 22.23 -5.34
CA GLU F 56 28.25 21.98 -5.21
C GLU F 56 28.58 21.25 -3.91
N GLN F 57 27.93 21.63 -2.80
CA GLN F 57 28.25 20.94 -1.55
C GLN F 57 27.73 19.52 -1.55
N ARG F 58 26.54 19.29 -2.12
CA ARG F 58 26.01 17.92 -2.19
C ARG F 58 26.93 17.01 -2.99
N VAL F 59 27.42 17.50 -4.12
CA VAL F 59 28.35 16.73 -4.94
C VAL F 59 29.61 16.40 -4.14
N ALA F 60 30.19 17.40 -3.46
CA ALA F 60 31.43 17.16 -2.72
C ALA F 60 31.21 16.16 -1.59
N LEU F 61 30.10 16.27 -0.87
CA LEU F 61 29.82 15.31 0.18
C LEU F 61 29.69 13.91 -0.40
N ALA F 62 28.95 13.78 -1.50
CA ALA F 62 28.78 12.46 -2.11
C ALA F 62 30.13 11.91 -2.57
N GLN F 63 31.02 12.79 -3.07
CA GLN F 63 32.37 12.38 -3.44
C GLN F 63 33.17 11.88 -2.24
N GLU F 64 33.10 12.61 -1.11
CA GLU F 64 33.85 12.19 0.07
C GLU F 64 33.36 10.84 0.58
N VAL F 65 32.06 10.63 0.56
CA VAL F 65 31.51 9.39 1.08
C VAL F 65 31.86 8.21 0.18
N THR F 66 32.11 8.46 -1.12
CA THR F 66 32.32 7.37 -2.06
C THR F 66 33.74 7.31 -2.61
N LYS F 67 34.66 8.15 -2.12
CA LYS F 67 35.99 8.25 -2.73
C LYS F 67 36.78 6.94 -2.66
N HIS F 68 36.53 6.11 -1.65
CA HIS F 68 37.27 4.87 -1.51
C HIS F 68 36.85 3.81 -2.53
N LEU F 69 35.73 4.00 -3.23
CA LEU F 69 35.25 3.03 -4.21
C LEU F 69 35.92 3.24 -5.56
N PRO F 70 36.20 2.16 -6.29
CA PRO F 70 37.04 2.29 -7.49
C PRO F 70 36.33 2.80 -8.70
N ASN F 71 34.99 2.75 -8.74
CA ASN F 71 34.30 2.96 -10.01
C ASN F 71 33.09 3.87 -9.85
N VAL F 72 33.14 4.79 -8.91
CA VAL F 72 32.03 5.66 -8.63
C VAL F 72 32.41 7.08 -8.94
N GLU F 73 31.57 7.73 -9.73
CA GLU F 73 31.79 9.08 -10.18
C GLU F 73 30.59 9.87 -9.74
N VAL F 74 30.79 11.11 -9.31
CA VAL F 74 29.70 11.96 -8.85
C VAL F 74 29.65 13.16 -9.76
N VAL F 75 28.47 13.45 -10.32
CA VAL F 75 28.33 14.58 -11.24
C VAL F 75 26.99 15.24 -10.97
N GLY F 76 26.99 16.55 -10.86
CA GLY F 76 25.76 17.31 -10.74
C GLY F 76 25.20 17.62 -12.10
N PHE F 77 23.87 17.78 -12.16
CA PHE F 77 23.24 18.08 -13.43
C PHE F 77 21.93 18.82 -13.20
N SER F 78 21.68 19.80 -14.05
CA SER F 78 20.48 20.62 -13.99
C SER F 78 19.52 20.31 -15.12
N THR F 79 19.87 19.37 -15.99
CA THR F 79 19.04 19.11 -17.17
C THR F 79 18.05 17.98 -16.86
N LEU F 80 17.25 17.63 -17.88
CA LEU F 80 16.30 16.53 -17.77
C LEU F 80 17.06 15.21 -17.62
N LEU F 81 16.62 14.39 -16.68
CA LEU F 81 17.30 13.12 -16.41
C LEU F 81 17.40 12.29 -17.68
N ALA F 82 16.32 12.23 -18.46
CA ALA F 82 16.31 11.46 -19.70
C ALA F 82 17.34 11.94 -20.71
N HIS F 83 17.69 13.24 -20.69
CA HIS F 83 18.74 13.73 -21.58
C HIS F 83 20.13 13.51 -20.99
N PHE F 84 20.27 13.75 -19.69
CA PHE F 84 21.57 13.57 -19.04
C PHE F 84 22.04 12.12 -19.12
N VAL F 85 21.12 11.18 -18.95
CA VAL F 85 21.52 9.78 -18.94
C VAL F 85 22.21 9.40 -20.24
N LYS F 86 21.81 10.02 -21.36
CA LYS F 86 22.44 9.71 -22.64
C LYS F 86 23.78 10.43 -22.78
N GLU F 87 23.88 11.67 -22.30
CA GLU F 87 25.18 12.33 -22.29
C GLU F 87 26.19 11.50 -21.53
N GLN F 88 25.74 10.80 -20.49
CA GLN F 88 26.61 10.01 -19.65
C GLN F 88 26.84 8.61 -20.20
N LYS F 89 26.17 8.24 -21.29
CA LYS F 89 26.34 6.92 -21.89
C LYS F 89 26.05 5.81 -20.88
N ALA F 90 24.97 5.97 -20.11
CA ALA F 90 24.54 4.97 -19.13
C ALA F 90 23.30 4.22 -19.62
N ASN F 91 23.23 2.93 -19.30
CA ASN F 91 22.14 2.06 -19.76
C ASN F 91 21.21 1.60 -18.65
N VAL F 92 21.42 2.04 -17.41
CA VAL F 92 20.58 1.63 -16.26
C VAL F 92 20.34 2.84 -15.37
N PHE F 93 19.08 3.04 -15.00
CA PHE F 93 18.72 3.90 -13.88
C PHE F 93 18.71 3.02 -12.63
N LEU F 94 19.48 3.39 -11.63
CA LEU F 94 19.45 2.66 -10.37
C LEU F 94 18.60 3.43 -9.39
N ARG F 95 17.65 2.74 -8.78
CA ARG F 95 16.77 3.35 -7.80
C ARG F 95 16.78 2.49 -6.55
N GLY F 96 16.65 3.15 -5.41
CA GLY F 96 16.61 2.45 -4.15
C GLY F 96 15.20 2.00 -3.88
N LEU F 97 15.06 0.72 -3.53
CA LEU F 97 13.76 0.16 -3.18
C LEU F 97 13.79 -0.25 -1.71
N ARG F 98 12.90 0.34 -0.93
CA ARG F 98 12.82 0.15 0.50
C ARG F 98 11.36 -0.16 0.85
N ALA F 99 11.17 -0.77 2.01
CA ALA F 99 9.80 -1.06 2.43
C ALA F 99 8.98 0.22 2.55
N VAL F 100 9.63 1.36 2.76
CA VAL F 100 8.96 2.64 2.94
C VAL F 100 8.97 3.50 1.67
N SER F 101 9.37 2.92 0.54
CA SER F 101 9.38 3.66 -0.71
C SER F 101 7.97 4.06 -1.14
N ASP F 102 7.89 5.15 -1.91
CA ASP F 102 6.64 5.61 -2.51
C ASP F 102 6.50 4.86 -3.83
N PHE F 103 5.88 3.67 -3.77
CA PHE F 103 5.88 2.78 -4.92
C PHE F 103 5.14 3.39 -6.10
N GLU F 104 4.04 4.07 -5.83
CA GLU F 104 3.29 4.73 -6.89
C GLU F 104 4.19 5.65 -7.70
N TYR F 105 4.95 6.49 -6.99
CA TYR F 105 5.80 7.45 -7.67
C TYR F 105 6.90 6.76 -8.45
N GLU F 106 7.51 5.72 -7.89
CA GLU F 106 8.59 5.04 -8.59
C GLU F 106 8.11 4.47 -9.92
N PHE F 107 6.89 3.96 -9.95
CA PHE F 107 6.39 3.44 -11.21
C PHE F 107 5.95 4.53 -12.17
N GLN F 108 5.45 5.67 -11.69
CA GLN F 108 5.18 6.77 -12.60
C GLN F 108 6.47 7.21 -13.25
N LEU F 109 7.50 7.40 -12.42
CA LEU F 109 8.82 7.79 -12.89
C LEU F 109 9.40 6.77 -13.87
N ALA F 110 9.39 5.48 -13.49
CA ALA F 110 9.96 4.45 -14.35
C ALA F 110 9.22 4.36 -15.68
N ASN F 111 7.88 4.46 -15.64
CA ASN F 111 7.10 4.37 -16.88
C ASN F 111 7.36 5.59 -17.77
N MET F 112 7.29 6.80 -17.21
CA MET F 112 7.44 7.99 -18.05
C MET F 112 8.85 8.07 -18.63
N ASN F 113 9.88 7.75 -17.83
CA ASN F 113 11.24 7.76 -18.36
C ASN F 113 11.45 6.66 -19.38
N ARG F 114 10.72 5.55 -19.25
CA ARG F 114 10.79 4.50 -20.27
C ARG F 114 10.28 5.03 -21.61
N GLN F 115 9.32 5.96 -21.59
CA GLN F 115 8.89 6.59 -22.83
C GLN F 115 9.95 7.53 -23.39
N LEU F 116 10.65 8.27 -22.51
CA LEU F 116 11.65 9.24 -22.97
C LEU F 116 12.99 8.59 -23.28
N ALA F 117 13.35 7.50 -22.60
CA ALA F 117 14.64 6.84 -22.79
C ALA F 117 14.39 5.34 -22.84
N PRO F 118 13.93 4.84 -24.00
CA PRO F 118 13.47 3.45 -24.07
C PRO F 118 14.56 2.42 -23.87
N ASP F 119 15.81 2.75 -24.16
CA ASP F 119 16.89 1.78 -24.03
C ASP F 119 17.52 1.78 -22.65
N VAL F 120 16.99 2.55 -21.70
CA VAL F 120 17.50 2.59 -20.33
C VAL F 120 16.56 1.81 -19.42
N GLU F 121 17.09 0.77 -18.77
CA GLU F 121 16.33 -0.04 -17.83
C GLU F 121 16.26 0.65 -16.48
N SER F 122 15.12 0.53 -15.81
CA SER F 122 14.99 0.94 -14.44
C SER F 122 15.19 -0.30 -13.56
N MET F 123 16.11 -0.20 -12.62
CA MET F 123 16.53 -1.33 -11.82
C MET F 123 16.45 -0.94 -10.36
N PHE F 124 16.00 -1.86 -9.51
CA PHE F 124 15.89 -1.56 -8.09
C PHE F 124 16.78 -2.49 -7.28
N LEU F 125 17.54 -1.89 -6.38
CA LEU F 125 18.29 -2.59 -5.34
C LEU F 125 17.69 -2.25 -3.99
N THR F 126 17.86 -3.16 -3.06
CA THR F 126 17.35 -2.91 -1.73
C THR F 126 18.52 -2.66 -0.78
N PRO F 127 18.44 -1.66 0.08
CA PRO F 127 19.52 -1.41 1.04
C PRO F 127 19.40 -2.35 2.22
N SER F 128 20.47 -2.40 3.01
CA SER F 128 20.47 -3.22 4.21
C SER F 128 19.38 -2.74 5.15
N GLU F 129 18.71 -3.69 5.81
CA GLU F 129 17.62 -3.37 6.75
C GLU F 129 18.04 -2.29 7.75
N LYS F 130 19.32 -2.28 8.16
CA LYS F 130 19.73 -1.34 9.19
C LYS F 130 19.56 0.11 8.76
N TYR F 131 19.58 0.38 7.46
CA TYR F 131 19.51 1.74 6.95
C TYR F 131 18.27 2.04 6.14
N SER F 132 17.38 1.08 5.94
CA SER F 132 16.34 1.20 4.92
C SER F 132 15.30 2.25 5.25
N PHE F 133 15.13 2.60 6.52
CA PHE F 133 14.08 3.51 6.93
C PHE F 133 14.57 4.95 7.03
N ILE F 134 15.83 5.22 6.69
CA ILE F 134 16.38 6.57 6.86
C ILE F 134 15.79 7.50 5.81
N SER F 135 15.36 8.67 6.25
CA SER F 135 14.83 9.67 5.34
C SER F 135 15.75 10.87 5.40
N SER F 136 16.23 11.26 4.22
CA SER F 136 17.02 12.47 4.10
C SER F 136 16.30 13.67 4.72
N THR F 137 14.99 13.77 4.51
CA THR F 137 14.20 14.86 5.05
C THR F 137 14.22 14.87 6.58
N LEU F 138 14.04 13.70 7.21
CA LEU F 138 14.04 13.64 8.66
C LEU F 138 15.43 13.91 9.22
N VAL F 139 16.48 13.54 8.48
CA VAL F 139 17.83 13.89 8.90
C VAL F 139 17.97 15.41 9.02
N ARG F 140 17.46 16.13 8.03
CA ARG F 140 17.50 17.59 8.09
C ARG F 140 16.71 18.11 9.26
N GLU F 141 15.51 17.59 9.46
CA GLU F 141 14.69 18.10 10.56
C GLU F 141 15.36 17.81 11.89
N ILE F 142 15.93 16.61 12.05
CA ILE F 142 16.58 16.28 13.31
C ILE F 142 17.79 17.18 13.54
N ALA F 143 18.62 17.36 12.51
CA ALA F 143 19.79 18.22 12.66
C ALA F 143 19.40 19.65 12.94
N ALA F 144 18.37 20.16 12.26
CA ALA F 144 17.95 21.55 12.47
C ALA F 144 17.50 21.79 13.91
N LEU F 145 17.02 20.77 14.60
CA LEU F 145 16.64 20.92 16.00
C LEU F 145 17.70 20.41 16.97
N GLY F 146 18.92 20.21 16.50
CA GLY F 146 20.01 19.86 17.39
C GLY F 146 20.04 18.41 17.84
N GLY F 147 19.51 17.51 17.04
CA GLY F 147 19.59 16.11 17.37
C GLY F 147 20.86 15.44 16.84
N ASP F 148 21.19 14.32 17.47
CA ASP F 148 22.31 13.51 17.04
C ASP F 148 21.94 12.74 15.78
N ILE F 149 22.58 13.05 14.67
CA ILE F 149 22.33 12.37 13.41
C ILE F 149 23.48 11.46 13.01
N SER F 150 24.43 11.21 13.93
CA SER F 150 25.60 10.42 13.56
C SER F 150 25.23 8.99 13.18
N LYS F 151 24.10 8.48 13.64
CA LYS F 151 23.68 7.14 13.22
C LYS F 151 23.12 7.13 11.80
N PHE F 152 22.91 8.28 11.18
CA PHE F 152 22.21 8.33 9.91
C PHE F 152 23.08 8.68 8.73
N VAL F 153 24.23 9.31 8.95
CA VAL F 153 25.02 9.90 7.88
C VAL F 153 26.50 9.65 8.14
N HIS F 154 27.28 9.82 7.09
CA HIS F 154 28.73 9.76 7.20
C HIS F 154 29.21 10.90 8.09
N PRO F 155 30.34 10.73 8.78
CA PRO F 155 30.83 11.80 9.66
C PRO F 155 31.01 13.12 8.95
N ALA F 156 31.53 13.13 7.72
CA ALA F 156 31.69 14.39 7.02
C ALA F 156 30.34 15.06 6.78
N VAL F 157 29.29 14.26 6.58
CA VAL F 157 27.96 14.84 6.40
C VAL F 157 27.44 15.38 7.73
N ALA F 158 27.72 14.65 8.83
CA ALA F 158 27.31 15.13 10.15
C ALA F 158 27.97 16.46 10.45
N ASP F 159 29.26 16.56 10.17
CA ASP F 159 29.98 17.83 10.37
C ASP F 159 29.43 18.91 9.47
N ALA F 160 29.09 18.59 8.22
CA ALA F 160 28.55 19.63 7.36
C ALA F 160 27.20 20.11 7.87
N LEU F 161 26.39 19.20 8.40
CA LEU F 161 25.09 19.58 8.93
C LEU F 161 25.23 20.45 10.17
N ALA F 162 26.20 20.13 11.03
CA ALA F 162 26.41 20.94 12.21
C ALA F 162 26.85 22.36 11.86
N GLU F 163 27.79 22.48 10.92
CA GLU F 163 28.23 23.80 10.48
C GLU F 163 27.07 24.60 9.89
N ARG F 164 26.16 23.93 9.16
CA ARG F 164 25.07 24.65 8.51
C ARG F 164 24.10 25.26 9.52
N PHE F 165 23.90 24.62 10.68
CA PHE F 165 22.92 25.14 11.64
C PHE F 165 23.54 25.87 12.82
N LYS F 166 24.72 25.47 13.29
CA LYS F 166 25.33 26.11 14.45
C LYS F 166 26.10 27.37 14.05
N1 COD G . 7.96 -10.17 13.63
C2 COD G . 7.42 -9.43 14.62
N3 COD G . 6.11 -9.53 14.89
C4 COD G . 5.36 -10.39 14.18
C5 COD G . 5.88 -11.14 13.19
C6 COD G . 7.22 -11.01 12.92
N7 COD G . 8.33 -11.45 12.11
N8 COD G . 4.89 -11.87 12.68
C9 COD G . 3.76 -11.58 13.34
N10 COD G . 4.07 -10.65 14.25
C11 COD G . 2.72 -10.56 14.78
C12 COD G . 1.53 -10.58 13.74
O13 COD G . 1.36 -9.37 13.12
C14 COD G . 0.41 -10.85 14.70
O15 COD G . 0.13 -9.60 15.45
C16 COD G . 0.91 -11.77 15.56
O17 COD G . 2.51 -11.60 15.53
C18 COD G . 0.52 -13.17 15.20
O19 COD G . 1.26 -13.69 14.12
P20 COD G . 0.68 -15.09 13.43
O21 COD G . 1.01 -15.11 11.96
O22 COD G . 1.34 -16.24 14.16
O23 COD G . -0.98 -15.12 13.69
P24 COD G . -2.19 -14.66 12.64
O25 COD G . -1.75 -13.55 11.71
O26 COD G . -2.65 -15.85 11.82
O27 COD G . -3.51 -14.14 13.51
C28 COD G . -4.80 -14.61 13.15
C29 COD G . -5.73 -14.69 14.41
C30 COD G . -5.21 -15.83 15.33
C31 COD G . -5.68 -13.39 15.18
C32 COD G . -7.18 -14.95 13.95
O33 COD G . -7.25 -15.94 12.98
C34 COD G . -8.02 -15.37 15.17
O35 COD G . -8.51 -14.50 15.81
N36 COD G . -8.20 -16.82 15.53
C37 COD G . -8.98 -17.24 16.71
C38 COD G . -10.36 -17.81 16.32
C39 COD G . -11.23 -16.59 15.94
O40 COD G . -11.68 -15.89 16.79
N41 COD G . -11.48 -16.32 14.49
C42 COD G . -12.28 -15.15 14.09
C43 COD G . -11.30 -13.96 14.16
S44 COD G . -12.26 -12.41 14.20
CA CA H . -11.75 12.21 39.86
CL CL I . 3.32 -15.90 8.09
N1 COD J . -4.75 8.94 -15.80
C2 COD J . -6.07 8.74 -15.65
N3 COD J . -6.74 9.43 -14.71
C4 COD J . -6.07 10.31 -13.95
C5 COD J . -4.77 10.53 -14.08
C6 COD J . -4.10 9.81 -15.04
N7 COD J . -2.84 9.53 -15.69
N8 COD J . -4.42 11.46 -13.18
C9 COD J . -5.51 11.81 -12.48
N10 COD J . -6.53 11.09 -12.96
C11 COD J . -7.57 11.66 -12.07
C12 COD J . -7.20 12.04 -10.58
O13 COD J . -7.04 10.96 -9.76
C14 COD J . -8.45 12.81 -10.26
O15 COD J . -9.59 11.87 -10.05
C16 COD J . -8.69 13.54 -11.37
O17 COD J . -8.05 12.76 -12.60
C18 COD J . -8.09 14.92 -11.28
O19 COD J . -6.71 14.89 -11.54
P20 COD J . -5.77 16.06 -10.81
O21 COD J . -4.56 15.42 -10.15
O22 COD J . -5.39 17.03 -11.91
O23 COD J . -6.67 16.87 -9.68
P24 COD J . -6.87 16.44 -8.08
O25 COD J . -6.34 15.03 -7.85
O26 COD J . -6.09 17.44 -7.25
O27 COD J . -8.49 16.50 -7.66
C28 COD J . -8.91 16.76 -6.32
C29 COD J . -10.02 17.84 -6.29
C30 COD J . -9.58 19.05 -7.16
C31 COD J . -11.30 17.26 -6.87
C32 COD J . -10.33 18.27 -4.83
O33 COD J . -9.23 18.88 -4.22
C34 COD J . -11.51 19.26 -4.78
O35 COD J . -12.55 18.90 -4.34
N36 COD J . -11.33 20.66 -5.28
C37 COD J . -12.45 21.62 -5.26
C38 COD J . -12.36 22.60 -4.07
C39 COD J . -12.79 21.87 -2.76
O40 COD J . -13.93 21.63 -2.55
N41 COD J . -11.76 21.51 -1.75
C42 COD J . -12.13 20.83 -0.49
C43 COD J . -11.72 19.35 -0.60
S44 COD J . -13.26 18.41 -0.73
CL CL K . 0.09 14.55 -10.29
CL CL L . -26.35 15.78 -1.35
N1 COD M . 5.40 -9.71 -15.11
C2 COD M . 6.75 -9.60 -14.98
N3 COD M . 7.38 -10.35 -14.06
C4 COD M . 6.67 -11.18 -13.29
C5 COD M . 5.34 -11.31 -13.40
C6 COD M . 4.71 -10.53 -14.36
N7 COD M . 3.46 -10.18 -14.98
N8 COD M . 4.93 -12.21 -12.50
C9 COD M . 6.01 -12.63 -11.83
N10 COD M . 7.08 -11.99 -12.33
C11 COD M . 8.05 -12.65 -11.45
C12 COD M . 7.67 -12.77 -9.91
O13 COD M . 7.74 -11.58 -9.27
C14 COD M . 8.80 -13.67 -9.49
O15 COD M . 10.05 -12.88 -9.35
C16 COD M . 8.96 -14.54 -10.52
O17 COD M . 8.27 -13.86 -11.81
C18 COD M . 8.26 -15.83 -10.23
O19 COD M . 6.88 -15.72 -10.51
P20 COD M . 5.90 -16.83 -9.78
O21 COD M . 4.66 -16.15 -9.24
O22 COD M . 5.54 -17.85 -10.83
O23 COD M . 6.78 -17.53 -8.53
P24 COD M . 6.83 -17.08 -6.92
O25 COD M . 6.21 -15.72 -6.70
O26 COD M . 5.99 -18.09 -6.15
O27 COD M . 8.40 -17.10 -6.31
C28 COD M . 8.68 -17.61 -4.99
C29 COD M . 9.95 -18.52 -4.89
C30 COD M . 9.77 -19.80 -5.75
C31 COD M . 11.17 -17.75 -5.38
C32 COD M . 10.21 -18.94 -3.41
O33 COD M . 9.13 -19.61 -2.87
C34 COD M . 11.43 -19.87 -3.31
O35 COD M . 12.50 -19.39 -3.09
N36 COD M . 11.28 -21.34 -3.48
C37 COD M . 12.42 -22.28 -3.41
C38 COD M . 12.51 -22.96 -2.03
C39 COD M . 12.88 -21.90 -0.94
O40 COD M . 13.95 -21.42 -0.93
N41 COD M . 11.88 -21.52 0.08
C42 COD M . 12.19 -20.50 1.10
C43 COD M . 11.95 -19.12 0.45
S44 COD M . 12.86 -17.85 1.39
CL CL N . 0.22 -15.12 -9.57
CL CL O . 26.38 -15.85 0.20
CL CL P . 34.70 -3.85 -7.66
N1 COD Q . -8.11 10.17 13.08
C2 COD Q . -7.59 9.52 14.15
N3 COD Q . -6.31 9.74 14.49
C4 COD Q . -5.56 10.59 13.75
C5 COD Q . -6.06 11.23 12.70
C6 COD Q . -7.37 11.00 12.37
N7 COD Q . -8.45 11.31 11.46
N8 COD Q . -5.08 12.00 12.17
C9 COD Q . -3.98 11.83 12.91
N10 COD Q . -4.28 10.94 13.89
C11 COD Q . -2.95 10.99 14.49
C12 COD Q . -1.72 10.80 13.52
O13 COD Q . -1.58 9.52 13.10
C14 COD Q . -0.63 11.20 14.47
O15 COD Q . -0.35 10.04 15.37
C16 COD Q . -1.13 12.24 15.19
O17 COD Q . -2.73 12.14 15.03
C18 COD Q . -0.62 13.56 14.68
O19 COD Q . -1.33 13.92 13.50
P20 COD Q . -1.03 15.37 12.74
O21 COD Q . -1.55 15.30 11.31
O22 COD Q . -1.81 16.41 13.51
O23 COD Q . 0.62 15.69 12.77
P24 COD Q . 1.86 14.72 12.18
O25 COD Q . 1.33 13.42 11.62
O26 COD Q . 2.55 15.45 11.05
O27 COD Q . 3.02 14.39 13.36
C28 COD Q . 4.39 14.69 13.09
C29 COD Q . 5.25 14.97 14.35
C30 COD Q . 4.72 16.25 15.09
C31 COD Q . 5.11 13.80 15.33
C32 COD Q . 6.74 15.08 13.88
O33 COD Q . 6.88 15.99 12.85
C34 COD Q . 7.67 15.50 15.01
O35 COD Q . 8.34 14.68 15.56
N36 COD Q . 7.73 16.93 15.38
C37 COD Q . 8.56 17.41 16.49
C38 COD Q . 9.93 17.91 16.02
C39 COD Q . 10.70 16.66 15.57
O40 COD Q . 11.04 15.86 16.38
N41 COD Q . 11.01 16.52 14.12
C42 COD Q . 11.77 15.36 13.61
C43 COD Q . 10.78 14.23 13.27
S44 COD Q . 11.21 12.90 14.43
CL CL R . -3.64 15.79 7.41
CL CL S . 15.53 6.67 25.36
N1 COD T . -18.33 -4.37 1.46
C2 COD T . -18.74 -3.75 0.33
N3 COD T . -18.43 -4.27 -0.87
C4 COD T . -17.70 -5.40 -0.90
C5 COD T . -17.29 -6.03 0.20
C6 COD T . -17.61 -5.48 1.42
N7 COD T . -17.50 -5.62 2.86
N8 COD T . -16.59 -7.11 -0.16
C9 COD T . -16.58 -7.16 -1.50
N10 COD T . -17.27 -6.09 -1.94
C11 COD T . -17.09 -6.44 -3.36
C12 COD T . -15.64 -6.77 -3.85
O13 COD T . -14.83 -5.68 -3.92
C14 COD T . -16.05 -7.15 -5.23
O15 COD T . -16.52 -5.90 -5.89
C16 COD T . -17.11 -7.97 -5.07
O17 COD T . -17.78 -7.48 -3.69
C18 COD T . -16.67 -9.40 -4.96
O19 COD T . -16.92 -9.86 -3.65
P20 COD T . -16.53 -11.42 -3.23
O21 COD T . -15.47 -11.38 -2.14
O22 COD T . -17.79 -12.07 -2.68
O23 COD T . -15.98 -12.28 -4.55
P24 COD T . -14.48 -12.17 -5.31
O25 COD T . -13.69 -11.01 -4.75
O26 COD T . -13.69 -13.43 -5.09
O27 COD T . -14.72 -11.95 -6.95
C28 COD T . -13.90 -12.62 -7.92
C29 COD T . -14.68 -12.88 -9.25
C30 COD T . -15.91 -13.77 -8.95
C31 COD T . -15.18 -11.58 -9.85
C32 COD T . -13.74 -13.57 -10.28
O33 COD T . -13.11 -14.70 -9.77
C34 COD T . -14.54 -14.00 -11.52
O35 COD T . -14.63 -13.26 -12.42
N36 COD T . -15.19 -15.35 -11.57
C37 COD T . -15.97 -15.77 -12.75
C38 COD T . -15.14 -16.82 -13.52
C39 COD T . -13.89 -16.11 -14.13
O40 COD T . -14.05 -15.18 -14.86
N41 COD T . -12.52 -16.59 -13.79
C42 COD T . -11.32 -15.94 -14.34
C43 COD T . -11.00 -14.68 -13.50
S44 COD T . -11.24 -13.22 -14.55
CA CA U . -35.79 -8.61 -8.96
CL CL V . -16.23 -6.19 -25.07
N1 COD W . 17.91 4.42 2.04
C2 COD W . 18.33 3.69 0.97
N3 COD W . 18.10 4.15 -0.28
C4 COD W . 17.46 5.32 -0.45
C5 COD W . 17.05 6.05 0.58
C6 COD W . 17.29 5.58 1.86
N7 COD W . 17.14 5.81 3.28
N8 COD W . 16.45 7.16 0.10
C9 COD W . 16.51 7.10 -1.24
N10 COD W . 17.12 5.95 -1.56
C11 COD W . 17.04 6.18 -3.01
C12 COD W . 15.63 6.59 -3.61
O13 COD W . 14.85 5.49 -3.86
C14 COD W . 16.06 7.16 -4.92
O15 COD W . 16.22 6.04 -5.88
C16 COD W . 17.26 7.74 -4.71
O17 COD W . 17.85 7.15 -3.34
C18 COD W . 17.15 9.24 -4.60
O19 COD W . 16.85 9.63 -3.28
P20 COD W . 16.47 11.23 -3.00
O21 COD W . 15.42 11.31 -1.91
O22 COD W . 17.73 11.91 -2.51
O23 COD W . 15.95 11.97 -4.42
P24 COD W . 14.59 11.74 -5.38
O25 COD W . 13.75 10.54 -4.99
O26 COD W . 13.72 12.97 -5.30
O27 COD W . 15.05 11.55 -6.99
C28 COD W . 14.10 11.72 -8.06
C29 COD W . 14.82 12.12 -9.39
C30 COD W . 16.06 12.99 -9.05
C31 COD W . 15.26 10.87 -10.14
C32 COD W . 13.84 12.91 -10.31
O33 COD W . 13.23 13.96 -9.64
C34 COD W . 14.56 13.43 -11.58
O35 COD W . 14.47 12.80 -12.57
N36 COD W . 15.37 14.69 -11.55
C37 COD W . 16.08 15.21 -12.74
C38 COD W . 15.21 16.23 -13.51
C39 COD W . 14.04 15.48 -14.22
O40 COD W . 14.27 14.61 -15.01
N41 COD W . 12.62 15.81 -13.95
C42 COD W . 11.56 15.06 -14.64
C43 COD W . 11.43 13.70 -13.91
S44 COD W . 10.95 12.41 -15.09
CL CL X . 13.14 11.64 1.65
CL CL Y . 17.05 5.25 -24.99
#